data_6G0A
#
_entry.id   6G0A
#
_cell.length_a   159.895
_cell.length_b   67.252
_cell.length_c   151.639
_cell.angle_alpha   90.000
_cell.angle_beta   111.500
_cell.angle_gamma   90.000
#
_symmetry.space_group_name_H-M   'C 1 2 1'
#
loop_
_entity.id
_entity.type
_entity.pdbx_description
1 polymer 'DNA polymerase epsilon catalytic subunit A'
2 polymer "DNA (5'-D(P*TP*AP*AP*CP*CP*GP*CP*GP*TP*TP*DC)-3')"
3 polymer "DNA (5'-D(P*TP*CP*TP*TP*GP*AP*AP*CP*GP*CP*GP*GP*TP*TP*A)-3')"
4 non-polymer "2'-DEOXYADENOSINE 5'-TRIPHOSPHATE"
5 non-polymer 'CALCIUM ION'
6 non-polymer 'FE (III) ION'
7 water water
#
loop_
_entity_poly.entity_id
_entity_poly.type
_entity_poly.pdbx_seq_one_letter_code
_entity_poly.pdbx_strand_id
1 'polypeptide(L)'
;GGDPHMMFGKKKNNGGSSTARYSAGNKYNTLSNNYALSAQQLLNASKIDDIDSMMGFERYVPPQYNGRFDAKDIDQIPGR
VGWLTNMHATLVSQETLSSGSNGGGNSNDGERVTTNQGISGVDFYFLDEEGGSFKSTVVYDPYFFIACNDESRVNDVEEL
VKKYLESCLKSLQIIRKEDLTMDNHLLGLQKTLIKLSFVNSNQLFEARKLLRPILQDNANNNVQRNIYNVAANGSEKVDA
KHLIEDIREYDVPYHVRVSIDKDIRVGKWYKVTQQGFIEDTRKIAFADPVVMAFDIETTKPPLKFRDSAVDQIMMISYMI
DGEGFLITNREIISEDIEDFEYTPKPEYPGFFTIFNENDEVALLQRFFEHIRDVRPTVISTFNGDFFDWPFIHNRSKIHG
LDMFDEIGFAPDAEGEYKSSYCSHMDCFRWVKRDSYLPQGSQGLKAVTQSKLGYNPIELDPELMTPYAFEKPQHLSEYSV
SDAVATYYLYMKYVHPFIFSLCTIIPLNPDETLRKGTGTLCEMLLMVQAYQHNILLPNKHTDPIERFYDGHLLESETYVG
GHVESLEAGVFRSDLKNEFKIDPSAIDELLQELPEALKFSVEVENKSSVDKVTNFEEIKNQITQKLLELKENNIRNELPL
IYHVDVASMYPNIMTTNRLQPDSIKAERDCASCDFNRPGKTCARKLKWAWRGEFFPSKMDEYNMIKRALQNETFPNKNKF
SKKKVLTFDELSYADQVIHIKKRLTEYSRKVYHRVKVSEIVEREAIVCQRENPFYVDTVKSFRDRRYEFKGLAKTWKGNL
SKIDPSDKHARDEAKKMIVLYDSLQLAHKVILNSFYGYVMRKGSRWYSMEMAGITCLTGATIIQMARALVERVGRPLELD
TDGIWCILPKSFPETYFFTLENGKKLYLSYPCSMLNYRVHQKFTNHQYQELKDPLNYIYETHSENTIFFEVDGPYKAMIL
PSSKEEGKGIKKRYAVFNEDGSLAELKGFELKRRGELQLIKNFQSDIFKVFLEGDTLEGCYSAVASVCNRWLDVLDSHGL
MLEDEDLVSLICENRSMSKTLKEYEGQKSTSITTARRLGDFLGEDMVKDKGLQCKYIISSKPFNAPVTERAIPVAIFSAD
IPIKRSFLRRWTLDPSLEDLDIRTIIDWGYYRERLGSAIQKIITIPAALQGVSNPVPRVEHPDWLKRKIAT
;
A
2 'polydeoxyribonucleotide' (DT)(DA)(DA)(DC)(DC)(DG)(DC)(DG)(DT)(DT)(DOC) P
3 'polydeoxyribonucleotide' (DT)(DC)(DT)(DT)(DG)(DA)(DA)(DC)(DG)(DC)(DG)(DG)(DT)(DT)(DA) T
#
loop_
_chem_comp.id
_chem_comp.type
_chem_comp.name
_chem_comp.formula
CA non-polymer 'CALCIUM ION' 'Ca 2'
DA DNA linking 2'-DEOXYADENOSINE-5'-MONOPHOSPHATE 'C10 H14 N5 O6 P'
DC DNA linking 2'-DEOXYCYTIDINE-5'-MONOPHOSPHATE 'C9 H14 N3 O7 P'
DG DNA linking 2'-DEOXYGUANOSINE-5'-MONOPHOSPHATE 'C10 H14 N5 O7 P'
DOC DNA linking 2',3'-DIDEOXYCYTIDINE-5'-MONOPHOSPHATE 'C9 H14 N3 O6 P'
DT DNA linking THYMIDINE-5'-MONOPHOSPHATE 'C10 H15 N2 O8 P'
DTP non-polymer '2'-DEOXYADENOSINE 5'-TRIPHOSPHATE' 'C10 H16 N5 O12 P3'
FE non-polymer 'FE (III) ION' 'Fe 3'
#
# COMPACT_ATOMS: atom_id res chain seq x y z
N ASN A 33 -35.43 -18.72 -5.46
CA ASN A 33 -35.61 -19.05 -6.87
C ASN A 33 -34.70 -18.19 -7.75
N ASN A 34 -34.39 -18.68 -8.95
CA ASN A 34 -33.62 -17.87 -9.89
C ASN A 34 -34.48 -16.78 -10.50
N TYR A 35 -35.78 -17.04 -10.68
CA TYR A 35 -36.71 -16.02 -11.14
C TYR A 35 -37.10 -15.07 -10.03
N ALA A 36 -36.93 -15.46 -8.76
CA ALA A 36 -37.18 -14.55 -7.66
C ALA A 36 -36.05 -13.53 -7.50
N LEU A 37 -34.80 -13.99 -7.59
CA LEU A 37 -33.66 -13.09 -7.49
C LEU A 37 -33.68 -12.05 -8.60
N SER A 38 -33.94 -12.48 -9.83
CA SER A 38 -34.04 -11.53 -10.95
C SER A 38 -35.15 -10.51 -10.70
N ALA A 39 -36.27 -10.94 -10.10
CA ALA A 39 -37.35 -10.02 -9.75
C ALA A 39 -36.92 -9.03 -8.66
N GLN A 40 -36.15 -9.48 -7.67
CA GLN A 40 -35.65 -8.58 -6.64
C GLN A 40 -34.66 -7.58 -7.24
N GLN A 41 -33.68 -8.07 -8.01
CA GLN A 41 -32.70 -7.14 -8.58
C GLN A 41 -33.33 -6.20 -9.59
N LEU A 42 -34.53 -6.52 -10.09
CA LEU A 42 -35.21 -5.66 -11.04
C LEU A 42 -35.86 -4.44 -10.39
N LEU A 43 -36.40 -4.58 -9.16
CA LEU A 43 -36.96 -3.39 -8.52
C LEU A 43 -35.88 -2.57 -7.83
N ASN A 44 -34.78 -3.19 -7.40
CA ASN A 44 -33.57 -2.42 -7.14
C ASN A 44 -33.24 -1.55 -8.33
N ALA A 45 -33.29 -2.14 -9.54
CA ALA A 45 -32.96 -1.43 -10.78
C ALA A 45 -33.91 -0.28 -11.06
N SER A 46 -35.20 -0.47 -10.80
CA SER A 46 -36.15 0.63 -11.03
C SER A 46 -36.06 1.69 -9.94
N LYS A 47 -35.73 1.31 -8.71
CA LYS A 47 -35.43 2.33 -7.69
C LYS A 47 -34.25 3.18 -8.13
N ILE A 48 -33.14 2.53 -8.50
CA ILE A 48 -31.94 3.23 -8.95
C ILE A 48 -32.25 4.12 -10.16
N ASP A 49 -33.06 3.61 -11.08
CA ASP A 49 -33.46 4.42 -12.23
C ASP A 49 -34.26 5.65 -11.82
N ASP A 50 -35.01 5.57 -10.71
CA ASP A 50 -35.76 6.73 -10.22
C ASP A 50 -34.84 7.68 -9.46
N ILE A 51 -33.90 7.15 -8.68
CA ILE A 51 -32.94 8.02 -8.00
C ILE A 51 -32.05 8.72 -9.02
N ASP A 52 -31.68 8.01 -10.10
CA ASP A 52 -30.84 8.62 -11.13
C ASP A 52 -31.60 9.72 -11.88
N SER A 53 -32.89 9.50 -12.16
CA SER A 53 -33.69 10.55 -12.80
C SER A 53 -33.76 11.77 -11.91
N MET A 54 -33.97 11.56 -10.62
CA MET A 54 -33.98 12.67 -9.66
C MET A 54 -32.68 13.47 -9.73
N MET A 55 -31.54 12.78 -9.81
CA MET A 55 -30.23 13.41 -9.83
C MET A 55 -29.72 13.71 -11.25
N GLY A 56 -30.61 13.71 -12.24
CA GLY A 56 -30.26 14.15 -13.58
C GLY A 56 -29.68 13.10 -14.50
N PHE A 57 -29.84 11.82 -14.18
CA PHE A 57 -29.30 10.76 -15.00
C PHE A 57 -30.45 9.96 -15.60
N GLU A 58 -31.14 10.58 -16.56
CA GLU A 58 -32.14 9.88 -17.35
C GLU A 58 -31.46 8.97 -18.37
N ARG A 59 -32.07 7.81 -18.61
CA ARG A 59 -31.53 6.89 -19.59
C ARG A 59 -31.76 7.42 -20.99
N TYR A 60 -30.67 7.55 -21.74
CA TYR A 60 -30.67 8.03 -23.12
C TYR A 60 -30.50 6.84 -24.05
N VAL A 61 -31.39 6.75 -25.03
CA VAL A 61 -31.30 5.76 -26.11
C VAL A 61 -30.99 6.53 -27.38
N PRO A 62 -29.87 6.23 -28.04
CA PRO A 62 -29.36 7.08 -29.12
C PRO A 62 -30.20 6.96 -30.38
N PRO A 63 -30.20 8.00 -31.21
CA PRO A 63 -30.96 7.98 -32.48
C PRO A 63 -30.50 6.86 -33.38
N GLN A 64 -31.43 6.29 -34.13
CA GLN A 64 -31.16 5.09 -34.91
C GLN A 64 -30.41 5.43 -36.19
N TYR A 65 -29.34 4.67 -36.45
CA TYR A 65 -28.50 4.81 -37.64
C TYR A 65 -28.08 3.42 -38.10
N ASN A 66 -28.25 3.14 -39.40
CA ASN A 66 -27.97 1.83 -40.00
C ASN A 66 -26.80 1.88 -40.97
N GLY A 67 -25.77 2.66 -40.64
CA GLY A 67 -24.62 2.82 -41.52
C GLY A 67 -23.37 2.14 -41.01
N ARG A 68 -22.22 2.55 -41.54
CA ARG A 68 -20.93 2.04 -41.07
C ARG A 68 -20.50 2.81 -39.84
N PHE A 69 -20.19 2.08 -38.76
CA PHE A 69 -19.68 2.70 -37.53
C PHE A 69 -18.25 3.19 -37.75
N ASP A 70 -18.00 3.83 -38.90
CA ASP A 70 -16.70 4.40 -39.20
C ASP A 70 -16.30 5.41 -38.12
N ALA A 71 -15.07 5.27 -37.61
CA ALA A 71 -14.64 6.01 -36.43
C ALA A 71 -14.03 7.38 -36.74
N LYS A 72 -13.53 7.59 -37.96
CA LYS A 72 -12.97 8.88 -38.32
C LYS A 72 -14.04 9.97 -38.36
N ASP A 73 -15.18 9.69 -38.99
CA ASP A 73 -16.24 10.68 -39.17
C ASP A 73 -17.20 10.72 -37.97
N ILE A 74 -16.65 10.77 -36.75
CA ILE A 74 -17.46 10.56 -35.54
C ILE A 74 -18.62 11.55 -35.47
N ASP A 75 -18.41 12.78 -35.94
CA ASP A 75 -19.42 13.82 -35.79
C ASP A 75 -20.53 13.72 -36.83
N GLN A 76 -20.54 12.68 -37.66
CA GLN A 76 -21.70 12.41 -38.50
C GLN A 76 -22.66 11.45 -37.81
N ILE A 77 -22.13 10.38 -37.22
CA ILE A 77 -22.97 9.35 -36.60
C ILE A 77 -23.84 9.98 -35.53
N PRO A 78 -25.14 9.69 -35.51
CA PRO A 78 -26.06 10.36 -34.58
C PRO A 78 -25.96 9.76 -33.18
N GLY A 79 -25.84 10.63 -32.19
CA GLY A 79 -25.72 10.22 -30.81
C GLY A 79 -25.23 11.39 -29.98
N ARG A 80 -25.00 11.09 -28.70
CA ARG A 80 -24.64 12.08 -27.70
C ARG A 80 -23.27 11.79 -27.12
N VAL A 81 -22.46 12.84 -27.00
CA VAL A 81 -21.10 12.72 -26.47
C VAL A 81 -21.14 13.03 -24.98
N GLY A 82 -20.23 12.40 -24.24
CA GLY A 82 -20.13 12.68 -22.82
C GLY A 82 -18.84 12.13 -22.23
N TRP A 83 -18.45 12.73 -21.11
CA TRP A 83 -17.34 12.23 -20.30
C TRP A 83 -17.89 11.20 -19.32
N LEU A 84 -17.34 9.99 -19.35
CA LEU A 84 -17.85 8.90 -18.53
C LEU A 84 -17.31 9.02 -17.10
N THR A 85 -18.22 9.08 -16.11
CA THR A 85 -17.83 9.24 -14.72
C THR A 85 -18.12 8.02 -13.85
N ASN A 86 -18.88 7.05 -14.34
CA ASN A 86 -19.27 5.93 -13.49
C ASN A 86 -19.81 4.80 -14.35
N MET A 87 -19.89 3.62 -13.75
CA MET A 87 -20.45 2.47 -14.44
C MET A 87 -20.85 1.46 -13.36
N HIS A 88 -22.10 1.03 -13.42
CA HIS A 88 -22.60 0.05 -12.46
C HIS A 88 -23.28 -1.06 -13.21
N ALA A 89 -23.08 -2.30 -12.76
CA ALA A 89 -23.89 -3.40 -13.28
C ALA A 89 -25.36 -3.13 -12.98
N THR A 90 -26.21 -3.87 -13.68
CA THR A 90 -27.65 -3.68 -13.55
C THR A 90 -28.34 -4.92 -14.09
N LEU A 91 -29.66 -4.92 -13.96
CA LEU A 91 -30.50 -5.91 -14.61
C LEU A 91 -31.61 -5.16 -15.32
N VAL A 92 -31.92 -5.57 -16.55
CA VAL A 92 -32.75 -4.80 -17.46
C VAL A 92 -33.85 -5.71 -18.03
N SER A 93 -35.07 -5.16 -18.15
CA SER A 93 -36.23 -5.96 -18.52
C SER A 93 -36.43 -5.95 -20.04
N GLN A 94 -37.64 -6.24 -20.50
CA GLN A 94 -37.92 -6.35 -21.93
C GLN A 94 -38.18 -4.96 -22.51
N GLU A 95 -37.21 -4.45 -23.27
CA GLU A 95 -37.29 -3.11 -23.88
C GLU A 95 -36.15 -2.87 -24.87
N THR A 115 -37.39 -11.73 -22.18
CA THR A 115 -38.52 -12.45 -21.59
C THR A 115 -38.81 -11.91 -20.19
N ASN A 116 -39.23 -12.79 -19.28
CA ASN A 116 -39.64 -12.37 -17.93
C ASN A 116 -38.43 -12.05 -17.05
N GLN A 117 -37.46 -12.96 -17.01
CA GLN A 117 -36.19 -12.65 -16.34
C GLN A 117 -35.52 -11.47 -17.03
N GLY A 118 -34.73 -10.74 -16.26
CA GLY A 118 -34.05 -9.58 -16.81
C GLY A 118 -32.80 -9.96 -17.57
N ILE A 119 -32.25 -8.98 -18.27
CA ILE A 119 -31.00 -9.14 -19.02
C ILE A 119 -29.92 -8.34 -18.33
N SER A 120 -28.77 -8.98 -18.11
CA SER A 120 -27.61 -8.28 -17.55
C SER A 120 -27.16 -7.16 -18.47
N GLY A 121 -26.77 -6.05 -17.85
CA GLY A 121 -26.28 -4.90 -18.57
C GLY A 121 -25.49 -4.03 -17.62
N VAL A 122 -24.95 -2.96 -18.15
CA VAL A 122 -24.21 -1.99 -17.36
C VAL A 122 -24.75 -0.60 -17.70
N ASP A 123 -25.03 0.19 -16.68
CA ASP A 123 -25.37 1.58 -16.85
C ASP A 123 -24.09 2.40 -16.82
N PHE A 124 -23.94 3.30 -17.78
CA PHE A 124 -22.79 4.18 -17.84
C PHE A 124 -23.28 5.59 -17.58
N TYR A 125 -22.58 6.33 -16.72
CA TYR A 125 -23.01 7.63 -16.25
C TYR A 125 -22.09 8.68 -16.86
N PHE A 126 -22.65 9.57 -17.67
CA PHE A 126 -21.88 10.55 -18.43
C PHE A 126 -22.19 11.97 -17.96
N LEU A 127 -21.20 12.84 -18.10
CA LEU A 127 -21.40 14.28 -18.11
C LEU A 127 -21.22 14.79 -19.53
N ASP A 128 -22.09 15.71 -19.96
CA ASP A 128 -22.10 16.09 -21.37
C ASP A 128 -21.21 17.32 -21.60
N GLU A 129 -21.25 17.89 -22.80
CA GLU A 129 -20.53 19.11 -23.09
C GLU A 129 -21.35 20.36 -22.82
N GLU A 130 -22.59 20.23 -22.37
CA GLU A 130 -23.50 21.35 -22.21
C GLU A 130 -23.87 21.59 -20.74
N GLY A 131 -23.00 21.18 -19.83
CA GLY A 131 -23.24 21.34 -18.40
C GLY A 131 -24.22 20.36 -17.81
N GLY A 132 -24.68 19.37 -18.59
CA GLY A 132 -25.66 18.42 -18.13
C GLY A 132 -25.12 16.99 -17.98
N SER A 133 -26.05 16.10 -17.65
CA SER A 133 -25.70 14.72 -17.35
C SER A 133 -26.67 13.80 -18.08
N PHE A 134 -26.20 12.59 -18.34
CA PHE A 134 -27.05 11.54 -18.88
C PHE A 134 -26.43 10.19 -18.58
N LYS A 135 -27.21 9.14 -18.83
CA LYS A 135 -26.83 7.77 -18.52
C LYS A 135 -27.26 6.87 -19.68
N SER A 136 -26.53 5.78 -19.91
CA SER A 136 -26.78 4.93 -21.06
C SER A 136 -26.33 3.50 -20.79
N THR A 137 -27.09 2.54 -21.30
CA THR A 137 -26.94 1.14 -20.92
C THR A 137 -26.39 0.33 -22.08
N VAL A 138 -25.50 -0.61 -21.76
CA VAL A 138 -25.02 -1.60 -22.69
C VAL A 138 -25.39 -2.96 -22.10
N VAL A 139 -25.82 -3.89 -22.95
CA VAL A 139 -26.08 -5.25 -22.49
C VAL A 139 -25.07 -6.19 -23.15
N TYR A 140 -24.71 -7.23 -22.41
CA TYR A 140 -23.68 -8.19 -22.81
C TYR A 140 -23.94 -9.46 -22.02
N ASP A 141 -24.01 -10.59 -22.71
CA ASP A 141 -24.39 -11.84 -22.07
C ASP A 141 -23.23 -12.35 -21.21
N PRO A 142 -23.45 -12.63 -19.93
CA PRO A 142 -22.40 -13.29 -19.13
C PRO A 142 -22.01 -14.61 -19.77
N TYR A 143 -20.75 -15.01 -19.59
CA TYR A 143 -20.27 -16.24 -20.19
C TYR A 143 -19.09 -16.79 -19.40
N PHE A 144 -18.94 -18.10 -19.43
CA PHE A 144 -17.72 -18.76 -18.98
C PHE A 144 -17.48 -19.97 -19.87
N PHE A 145 -16.36 -20.63 -19.66
CA PHE A 145 -15.86 -21.65 -20.57
C PHE A 145 -15.77 -23.01 -19.89
N ILE A 146 -15.95 -24.05 -20.69
CA ILE A 146 -15.67 -25.41 -20.30
C ILE A 146 -14.49 -25.90 -21.13
N ALA A 147 -13.54 -26.58 -20.50
CA ALA A 147 -12.40 -27.19 -21.17
C ALA A 147 -12.58 -28.71 -21.19
N CYS A 148 -11.90 -29.38 -22.12
CA CYS A 148 -12.09 -30.81 -22.34
C CYS A 148 -10.78 -31.57 -22.27
N ASN A 149 -10.85 -32.81 -21.75
CA ASN A 149 -9.67 -33.68 -21.74
C ASN A 149 -9.25 -34.06 -23.16
N ASP A 150 -10.22 -34.25 -24.06
CA ASP A 150 -9.95 -34.73 -25.41
C ASP A 150 -10.65 -33.83 -26.42
N GLU A 151 -9.86 -33.19 -27.29
CA GLU A 151 -10.43 -32.28 -28.28
C GLU A 151 -11.25 -33.02 -29.34
N SER A 152 -11.03 -34.32 -29.52
CA SER A 152 -11.74 -35.08 -30.54
C SER A 152 -13.26 -34.99 -30.36
N ARG A 153 -13.75 -35.38 -29.19
CA ARG A 153 -15.19 -35.40 -28.94
C ARG A 153 -15.66 -34.10 -28.28
N VAL A 154 -15.23 -32.95 -28.79
CA VAL A 154 -15.63 -31.68 -28.19
C VAL A 154 -17.13 -31.43 -28.40
N ASN A 155 -17.67 -31.85 -29.53
CA ASN A 155 -19.11 -31.66 -29.73
C ASN A 155 -19.91 -32.59 -28.81
N ASP A 156 -19.37 -33.77 -28.50
CA ASP A 156 -20.08 -34.69 -27.61
C ASP A 156 -20.35 -34.05 -26.26
N VAL A 157 -19.32 -33.42 -25.67
CA VAL A 157 -19.52 -32.70 -24.41
C VAL A 157 -20.36 -31.45 -24.62
N GLU A 158 -20.49 -30.98 -25.86
CA GLU A 158 -21.25 -29.78 -26.17
C GLU A 158 -22.75 -30.07 -26.27
N GLU A 159 -23.11 -31.29 -26.67
CA GLU A 159 -24.50 -31.69 -26.65
C GLU A 159 -24.94 -32.08 -25.23
N LEU A 160 -24.07 -32.75 -24.47
CA LEU A 160 -24.39 -33.09 -23.08
C LEU A 160 -24.60 -31.84 -22.24
N VAL A 161 -23.84 -30.77 -22.52
CA VAL A 161 -24.02 -29.55 -21.75
C VAL A 161 -25.25 -28.80 -22.20
N LYS A 162 -25.66 -28.96 -23.46
CA LYS A 162 -26.94 -28.42 -23.91
C LYS A 162 -28.11 -29.13 -23.23
N LYS A 163 -27.88 -30.36 -22.77
CA LYS A 163 -28.92 -31.12 -22.08
C LYS A 163 -29.00 -30.76 -20.60
N TYR A 164 -27.85 -30.80 -19.91
CA TYR A 164 -27.81 -30.66 -18.46
C TYR A 164 -28.03 -29.22 -18.00
N LEU A 165 -27.83 -28.23 -18.88
CA LEU A 165 -28.02 -26.82 -18.56
C LEU A 165 -29.20 -26.22 -19.30
N GLU A 166 -30.23 -27.02 -19.55
CA GLU A 166 -31.29 -26.62 -20.48
C GLU A 166 -32.11 -25.44 -19.97
N SER A 167 -32.25 -25.30 -18.64
CA SER A 167 -33.09 -24.28 -18.06
C SER A 167 -32.31 -23.05 -17.62
N CYS A 168 -31.09 -22.86 -18.12
CA CYS A 168 -30.33 -21.67 -17.73
C CYS A 168 -29.43 -21.18 -18.86
N LEU A 169 -29.03 -22.06 -19.77
CA LEU A 169 -28.18 -21.65 -20.88
C LEU A 169 -28.99 -20.86 -21.91
N LYS A 170 -28.31 -19.91 -22.56
CA LYS A 170 -28.92 -19.14 -23.63
C LYS A 170 -28.34 -19.49 -25.00
N SER A 171 -27.01 -19.60 -25.09
CA SER A 171 -26.36 -19.95 -26.33
C SER A 171 -25.02 -20.56 -25.97
N LEU A 172 -24.42 -21.26 -26.94
CA LEU A 172 -23.06 -21.73 -26.74
C LEU A 172 -22.33 -21.83 -28.07
N GLN A 173 -21.05 -21.46 -28.04
CA GLN A 173 -20.18 -21.43 -29.20
C GLN A 173 -19.01 -22.36 -28.94
N ILE A 174 -18.22 -22.59 -29.99
CA ILE A 174 -16.91 -23.24 -29.86
C ILE A 174 -15.88 -22.21 -30.25
N ILE A 175 -15.05 -21.79 -29.29
CA ILE A 175 -14.05 -20.79 -29.58
C ILE A 175 -12.68 -21.35 -29.21
N ARG A 176 -11.63 -20.62 -29.60
CA ARG A 176 -10.28 -21.07 -29.33
C ARG A 176 -9.47 -19.94 -28.72
N LYS A 177 -8.74 -20.27 -27.66
CA LYS A 177 -7.84 -19.32 -27.02
C LYS A 177 -6.48 -19.98 -26.85
N GLU A 178 -5.47 -19.14 -26.64
CA GLU A 178 -4.13 -19.65 -26.39
C GLU A 178 -4.00 -20.02 -24.92
N ASP A 179 -3.58 -21.25 -24.66
CA ASP A 179 -3.32 -21.74 -23.32
C ASP A 179 -1.81 -21.84 -23.12
N LEU A 180 -1.29 -21.07 -22.17
CA LEU A 180 0.14 -21.13 -21.87
C LEU A 180 0.54 -22.40 -21.12
N THR A 181 -0.43 -23.20 -20.66
CA THR A 181 -0.17 -24.53 -20.12
C THR A 181 0.14 -25.55 -21.21
N MET A 182 -0.34 -25.34 -22.43
CA MET A 182 -0.41 -26.35 -23.47
C MET A 182 0.90 -26.48 -24.23
N ASP A 183 1.20 -27.70 -24.68
CA ASP A 183 2.38 -27.98 -25.48
C ASP A 183 2.25 -27.36 -26.87
N ASN A 184 3.37 -26.85 -27.39
CA ASN A 184 3.46 -26.29 -28.73
C ASN A 184 2.49 -25.13 -28.96
N HIS A 185 1.98 -24.52 -27.88
CA HIS A 185 1.20 -23.31 -28.03
C HIS A 185 2.03 -22.18 -28.64
N LEU A 186 3.36 -22.23 -28.50
CA LEU A 186 4.25 -21.24 -29.09
C LEU A 186 4.45 -21.45 -30.58
N LEU A 187 4.13 -22.64 -31.07
CA LEU A 187 4.14 -22.91 -32.50
C LEU A 187 2.80 -22.54 -33.14
N GLY A 188 1.75 -22.36 -32.34
CA GLY A 188 0.51 -21.84 -32.87
C GLY A 188 -0.71 -22.54 -32.31
N LEU A 189 -0.49 -23.69 -31.67
CA LEU A 189 -1.59 -24.48 -31.14
C LEU A 189 -2.45 -23.66 -30.18
N GLN A 190 -3.75 -23.92 -30.20
CA GLN A 190 -4.70 -23.26 -29.32
C GLN A 190 -5.63 -24.27 -28.67
N LYS A 191 -6.41 -23.76 -27.72
CA LYS A 191 -7.26 -24.58 -26.86
C LYS A 191 -8.71 -24.43 -27.27
N THR A 192 -9.37 -25.55 -27.55
CA THR A 192 -10.78 -25.52 -27.90
C THR A 192 -11.62 -25.48 -26.64
N LEU A 193 -12.58 -24.57 -26.59
CA LEU A 193 -13.38 -24.31 -25.41
C LEU A 193 -14.81 -24.01 -25.81
N ILE A 194 -15.75 -24.40 -24.95
CA ILE A 194 -17.16 -24.10 -25.15
C ILE A 194 -17.51 -22.86 -24.35
N LYS A 195 -18.07 -21.87 -25.04
CA LYS A 195 -18.44 -20.59 -24.42
C LYS A 195 -19.92 -20.64 -24.08
N LEU A 196 -20.20 -21.01 -22.81
CA LEU A 196 -21.56 -21.03 -22.30
C LEU A 196 -22.01 -19.59 -22.04
N SER A 197 -22.99 -19.12 -22.80
CA SER A 197 -23.53 -17.78 -22.65
C SER A 197 -24.86 -17.84 -21.90
N PHE A 198 -25.21 -16.72 -21.25
CA PHE A 198 -26.38 -16.69 -20.37
C PHE A 198 -27.07 -15.34 -20.49
N VAL A 199 -28.33 -15.31 -20.08
CA VAL A 199 -29.14 -14.09 -20.23
C VAL A 199 -28.79 -13.07 -19.16
N ASN A 200 -28.62 -13.51 -17.92
CA ASN A 200 -28.27 -12.64 -16.81
C ASN A 200 -27.27 -13.36 -15.91
N SER A 201 -26.73 -12.63 -14.95
CA SER A 201 -25.71 -13.19 -14.07
C SER A 201 -26.25 -14.28 -13.16
N ASN A 202 -27.57 -14.36 -12.99
CA ASN A 202 -28.11 -15.41 -12.11
C ASN A 202 -28.10 -16.77 -12.79
N GLN A 203 -28.38 -16.83 -14.10
CA GLN A 203 -28.32 -18.11 -14.79
C GLN A 203 -26.90 -18.64 -14.87
N LEU A 204 -25.90 -17.75 -14.92
CA LEU A 204 -24.51 -18.18 -14.94
C LEU A 204 -24.14 -18.91 -13.65
N PHE A 205 -24.41 -18.29 -12.50
CA PHE A 205 -24.13 -18.95 -11.24
C PHE A 205 -24.99 -20.20 -11.07
N GLU A 206 -26.16 -20.22 -11.73
CA GLU A 206 -27.02 -21.40 -11.65
C GLU A 206 -26.40 -22.57 -12.41
N ALA A 207 -25.76 -22.30 -13.56
CA ALA A 207 -25.09 -23.36 -14.31
C ALA A 207 -23.90 -23.91 -13.53
N ARG A 208 -23.15 -23.04 -12.86
CA ARG A 208 -22.03 -23.53 -12.04
C ARG A 208 -22.52 -24.45 -10.93
N LYS A 209 -23.67 -24.13 -10.33
CA LYS A 209 -24.22 -24.97 -9.27
C LYS A 209 -24.60 -26.35 -9.80
N LEU A 210 -24.97 -26.45 -11.08
CA LEU A 210 -25.26 -27.76 -11.66
C LEU A 210 -24.00 -28.46 -12.14
N LEU A 211 -22.99 -27.72 -12.59
CA LEU A 211 -21.76 -28.32 -13.06
C LEU A 211 -20.81 -28.69 -11.92
N ARG A 212 -20.96 -28.08 -10.75
CA ARG A 212 -20.15 -28.50 -9.60
C ARG A 212 -20.30 -29.99 -9.31
N PRO A 213 -21.51 -30.59 -9.34
CA PRO A 213 -21.60 -32.05 -9.33
C PRO A 213 -20.69 -32.73 -10.34
N ILE A 214 -20.86 -32.41 -11.63
CA ILE A 214 -20.16 -33.16 -12.68
C ILE A 214 -18.65 -33.07 -12.53
N LEU A 215 -18.14 -31.93 -12.05
CA LEU A 215 -16.69 -31.76 -11.93
C LEU A 215 -16.16 -32.52 -10.72
N GLN A 216 -16.80 -32.35 -9.56
CA GLN A 216 -16.42 -33.11 -8.38
C GLN A 216 -16.74 -34.60 -8.53
N ASP A 217 -17.66 -34.97 -9.42
CA ASP A 217 -18.04 -36.37 -9.60
C ASP A 217 -16.90 -37.19 -10.19
N ASN A 218 -16.08 -36.60 -11.08
CA ASN A 218 -14.95 -37.29 -11.66
C ASN A 218 -13.71 -37.29 -10.78
N ALA A 219 -13.88 -37.20 -9.46
CA ALA A 219 -12.81 -37.39 -8.48
C ALA A 219 -13.27 -38.37 -7.40
N ARG A 225 -19.67 -49.42 -16.12
CA ARG A 225 -18.58 -49.49 -15.13
C ARG A 225 -18.03 -50.91 -14.99
N ASN A 226 -18.14 -51.71 -16.05
CA ASN A 226 -17.56 -53.05 -16.04
C ASN A 226 -16.04 -52.92 -16.04
N ILE A 227 -15.41 -53.46 -15.01
CA ILE A 227 -13.98 -53.34 -14.78
C ILE A 227 -13.17 -54.28 -15.67
N TYR A 228 -13.84 -55.00 -16.58
CA TYR A 228 -13.16 -56.03 -17.36
C TYR A 228 -12.84 -55.61 -18.80
N ASN A 229 -13.04 -54.34 -19.15
CA ASN A 229 -12.61 -53.85 -20.46
C ASN A 229 -11.81 -52.56 -20.35
N VAL A 238 -15.72 -43.28 -23.62
CA VAL A 238 -16.02 -42.74 -22.30
C VAL A 238 -17.35 -41.99 -22.36
N ASP A 239 -17.99 -41.83 -21.20
CA ASP A 239 -19.23 -41.08 -21.09
C ASP A 239 -18.97 -39.58 -21.20
N ALA A 240 -20.01 -38.85 -21.64
CA ALA A 240 -19.84 -37.42 -21.91
C ALA A 240 -19.48 -36.63 -20.65
N LYS A 241 -19.88 -37.11 -19.46
CA LYS A 241 -19.65 -36.34 -18.25
C LYS A 241 -18.17 -36.24 -17.92
N HIS A 242 -17.41 -37.31 -18.17
CA HIS A 242 -16.03 -37.39 -17.72
C HIS A 242 -15.04 -36.76 -18.68
N LEU A 243 -15.50 -35.95 -19.64
CA LEU A 243 -14.62 -35.17 -20.49
C LEU A 243 -14.64 -33.68 -20.15
N ILE A 244 -15.31 -33.30 -19.06
CA ILE A 244 -15.29 -31.92 -18.58
C ILE A 244 -14.11 -31.82 -17.61
N GLU A 245 -12.97 -31.33 -18.10
CA GLU A 245 -11.78 -31.19 -17.26
C GLU A 245 -12.02 -30.17 -16.16
N ASP A 246 -12.20 -28.90 -16.52
CA ASP A 246 -12.49 -27.85 -15.57
C ASP A 246 -13.37 -26.81 -16.25
N ILE A 247 -13.68 -25.72 -15.53
CA ILE A 247 -14.34 -24.58 -16.13
C ILE A 247 -13.52 -23.33 -15.84
N ARG A 248 -13.61 -22.37 -16.75
CA ARG A 248 -12.68 -21.25 -16.81
C ARG A 248 -13.39 -19.92 -16.95
N GLU A 249 -12.77 -18.87 -16.43
CA GLU A 249 -13.26 -17.49 -16.48
C GLU A 249 -14.69 -17.37 -15.96
N TYR A 250 -15.09 -18.29 -15.06
CA TYR A 250 -16.33 -18.18 -14.31
C TYR A 250 -16.23 -17.15 -13.20
N ASP A 251 -15.00 -16.80 -12.80
CA ASP A 251 -14.77 -15.91 -11.68
C ASP A 251 -15.04 -14.45 -12.01
N VAL A 252 -15.09 -14.09 -13.28
CA VAL A 252 -14.83 -12.69 -13.63
C VAL A 252 -16.01 -11.82 -13.20
N PRO A 253 -15.77 -10.74 -12.45
CA PRO A 253 -16.87 -9.83 -12.11
C PRO A 253 -17.46 -9.22 -13.37
N TYR A 254 -18.78 -9.01 -13.34
CA TYR A 254 -19.51 -8.77 -14.58
C TYR A 254 -19.15 -7.42 -15.20
N HIS A 255 -19.25 -6.34 -14.42
CA HIS A 255 -18.95 -5.02 -14.98
C HIS A 255 -17.49 -4.92 -15.41
N VAL A 256 -16.61 -5.68 -14.75
CA VAL A 256 -15.25 -5.83 -15.25
C VAL A 256 -15.25 -6.54 -16.60
N ARG A 257 -16.07 -7.60 -16.72
CA ARG A 257 -16.13 -8.36 -17.97
C ARG A 257 -16.64 -7.49 -19.11
N VAL A 258 -17.59 -6.60 -18.84
CA VAL A 258 -18.08 -5.71 -19.89
C VAL A 258 -17.02 -4.66 -20.23
N SER A 259 -16.46 -4.00 -19.21
CA SER A 259 -15.47 -2.96 -19.43
C SER A 259 -14.26 -3.47 -20.19
N ILE A 260 -13.97 -4.77 -20.09
CA ILE A 260 -12.81 -5.33 -20.79
C ILE A 260 -13.18 -5.66 -22.24
N ASP A 261 -14.27 -6.40 -22.45
CA ASP A 261 -14.62 -6.82 -23.81
C ASP A 261 -15.00 -5.64 -24.71
N LYS A 262 -15.63 -4.61 -24.16
CA LYS A 262 -16.10 -3.48 -24.95
C LYS A 262 -15.14 -2.30 -24.94
N ASP A 263 -13.95 -2.47 -24.33
CA ASP A 263 -12.92 -1.45 -24.18
C ASP A 263 -13.48 -0.09 -23.78
N ILE A 264 -14.34 -0.09 -22.76
CA ILE A 264 -14.86 1.13 -22.17
C ILE A 264 -14.15 1.36 -20.85
N ARG A 265 -13.87 2.62 -20.52
CA ARG A 265 -13.15 2.99 -19.31
C ARG A 265 -13.73 4.30 -18.77
N VAL A 266 -13.96 4.35 -17.45
CA VAL A 266 -14.33 5.61 -16.82
C VAL A 266 -13.21 6.61 -17.05
N GLY A 267 -13.58 7.87 -17.23
CA GLY A 267 -12.61 8.92 -17.40
C GLY A 267 -12.27 9.26 -18.84
N LYS A 268 -12.76 8.50 -19.80
CA LYS A 268 -12.59 8.80 -21.21
C LYS A 268 -13.88 9.43 -21.76
N TRP A 269 -13.74 10.15 -22.87
CA TRP A 269 -14.91 10.68 -23.57
C TRP A 269 -15.39 9.68 -24.61
N TYR A 270 -16.70 9.53 -24.69
CA TYR A 270 -17.30 8.67 -25.71
C TYR A 270 -18.50 9.40 -26.33
N LYS A 271 -18.74 9.12 -27.60
CA LYS A 271 -19.99 9.44 -28.25
C LYS A 271 -20.85 8.19 -28.25
N VAL A 272 -21.98 8.25 -27.56
CA VAL A 272 -22.87 7.09 -27.44
C VAL A 272 -23.75 7.02 -28.69
N THR A 273 -23.58 5.96 -29.47
CA THR A 273 -24.34 5.76 -30.70
C THR A 273 -24.97 4.38 -30.64
N GLN A 274 -25.91 4.14 -31.56
CA GLN A 274 -26.55 2.83 -31.60
C GLN A 274 -25.55 1.72 -31.85
N GLN A 275 -24.50 2.00 -32.65
CA GLN A 275 -23.47 1.01 -32.93
C GLN A 275 -22.55 0.73 -31.75
N GLY A 276 -22.65 1.49 -30.66
CA GLY A 276 -21.82 1.34 -29.48
C GLY A 276 -21.18 2.64 -29.07
N PHE A 277 -20.31 2.55 -28.05
CA PHE A 277 -19.58 3.71 -27.57
C PHE A 277 -18.36 3.95 -28.44
N ILE A 278 -18.14 5.21 -28.83
CA ILE A 278 -17.06 5.58 -29.74
C ILE A 278 -16.11 6.48 -28.95
N GLU A 279 -14.89 5.99 -28.69
CA GLU A 279 -13.94 6.83 -27.98
C GLU A 279 -13.61 8.05 -28.82
N ASP A 280 -13.78 9.23 -28.21
CA ASP A 280 -13.51 10.51 -28.85
C ASP A 280 -12.14 11.00 -28.37
N THR A 281 -11.10 10.49 -29.03
CA THR A 281 -9.70 10.70 -28.67
C THR A 281 -9.23 12.14 -28.83
N ARG A 282 -10.16 13.07 -28.99
CA ARG A 282 -9.84 14.46 -29.27
C ARG A 282 -9.82 15.35 -28.04
N LYS A 283 -10.72 15.11 -27.08
CA LYS A 283 -10.88 15.99 -25.93
C LYS A 283 -9.65 15.95 -25.04
N ILE A 284 -9.18 17.13 -24.64
CA ILE A 284 -7.88 17.23 -23.97
C ILE A 284 -7.98 16.84 -22.50
N ALA A 285 -9.01 17.32 -21.81
CA ALA A 285 -9.09 17.23 -20.36
C ALA A 285 -10.34 16.45 -19.93
N PHE A 286 -10.46 16.21 -18.63
CA PHE A 286 -11.69 15.67 -18.08
C PHE A 286 -12.79 16.72 -18.17
N ALA A 287 -14.03 16.27 -17.95
CA ALA A 287 -15.09 17.24 -17.66
C ALA A 287 -14.87 17.78 -16.25
N ASP A 288 -15.89 18.43 -15.70
CA ASP A 288 -15.81 19.01 -14.37
C ASP A 288 -17.06 18.62 -13.60
N PRO A 289 -17.01 17.49 -12.89
CA PRO A 289 -18.14 17.12 -12.04
C PRO A 289 -18.32 18.16 -10.94
N VAL A 290 -19.53 18.20 -10.39
CA VAL A 290 -19.78 18.97 -9.18
C VAL A 290 -19.35 18.12 -8.00
N VAL A 291 -18.32 18.58 -7.28
CA VAL A 291 -17.71 17.82 -6.20
C VAL A 291 -18.16 18.41 -4.86
N MET A 292 -18.52 17.54 -3.93
CA MET A 292 -18.92 17.94 -2.60
C MET A 292 -18.19 17.11 -1.56
N ALA A 293 -17.67 17.77 -0.53
CA ALA A 293 -17.01 17.08 0.59
C ALA A 293 -17.64 17.54 1.90
N PHE A 294 -17.89 16.60 2.81
CA PHE A 294 -18.56 16.94 4.06
C PHE A 294 -17.93 16.23 5.25
N ASP A 295 -17.84 16.95 6.37
CA ASP A 295 -17.51 16.39 7.67
C ASP A 295 -18.66 16.64 8.64
N ILE A 296 -18.77 15.78 9.65
CA ILE A 296 -19.75 15.96 10.72
C ILE A 296 -19.03 15.86 12.06
N GLU A 297 -19.30 16.82 12.94
CA GLU A 297 -18.92 16.73 14.34
C GLU A 297 -20.19 16.55 15.16
N THR A 298 -20.23 15.50 15.98
CA THR A 298 -21.41 15.17 16.76
C THR A 298 -21.11 15.25 18.26
N THR A 299 -22.18 15.15 19.04
CA THR A 299 -22.01 15.12 20.47
C THR A 299 -21.29 13.84 20.90
N LYS A 300 -20.84 13.83 22.16
CA LYS A 300 -19.98 12.78 22.67
C LYS A 300 -20.10 12.79 24.18
N PRO A 301 -20.25 11.64 24.84
CA PRO A 301 -20.12 11.61 26.28
C PRO A 301 -18.67 11.81 26.69
N PRO A 302 -18.41 12.37 27.87
CA PRO A 302 -17.03 12.63 28.28
C PRO A 302 -16.21 11.35 28.31
N LEU A 303 -14.98 11.45 27.80
CA LEU A 303 -14.02 10.35 27.79
C LEU A 303 -14.56 9.10 27.09
N LYS A 304 -15.55 9.28 26.22
CA LYS A 304 -16.19 8.16 25.54
C LYS A 304 -16.17 8.39 24.04
N PHE A 305 -16.45 7.32 23.29
CA PHE A 305 -16.57 7.39 21.84
C PHE A 305 -17.96 7.89 21.44
N ARG A 306 -18.05 8.38 20.21
CA ARG A 306 -19.32 8.84 19.67
C ARG A 306 -20.18 7.67 19.24
N ASP A 307 -21.47 7.72 19.60
CA ASP A 307 -22.40 6.61 19.42
C ASP A 307 -23.65 7.13 18.72
N SER A 308 -23.90 6.63 17.51
CA SER A 308 -25.07 7.06 16.76
C SER A 308 -26.38 6.76 17.50
N ALA A 309 -26.36 5.75 18.38
CA ALA A 309 -27.58 5.38 19.10
C ALA A 309 -27.98 6.47 20.09
N VAL A 310 -27.02 7.10 20.74
CA VAL A 310 -27.29 8.07 21.78
C VAL A 310 -27.10 9.50 21.30
N ASP A 311 -25.97 9.78 20.64
CA ASP A 311 -25.56 11.14 20.34
C ASP A 311 -26.31 11.68 19.14
N GLN A 312 -26.03 12.93 18.78
CA GLN A 312 -26.74 13.56 17.67
C GLN A 312 -25.85 14.60 17.00
N ILE A 313 -26.09 14.81 15.70
CA ILE A 313 -25.18 15.61 14.88
C ILE A 313 -25.24 17.07 15.33
N MET A 314 -24.10 17.61 15.73
CA MET A 314 -24.06 19.02 16.12
C MET A 314 -24.01 19.93 14.90
N MET A 315 -23.13 19.64 13.95
CA MET A 315 -23.01 20.44 12.74
C MET A 315 -22.43 19.60 11.62
N ILE A 316 -22.82 19.93 10.39
CA ILE A 316 -22.29 19.30 9.18
C ILE A 316 -21.67 20.41 8.33
N SER A 317 -20.35 20.44 8.26
CA SER A 317 -19.67 21.34 7.35
C SER A 317 -19.53 20.66 6.00
N TYR A 318 -19.45 21.46 4.95
CA TYR A 318 -19.23 20.88 3.63
C TYR A 318 -18.89 21.97 2.61
N MET A 319 -18.16 21.57 1.57
CA MET A 319 -17.84 22.43 0.45
C MET A 319 -18.32 21.79 -0.84
N ILE A 320 -18.89 22.62 -1.72
CA ILE A 320 -19.34 22.20 -3.04
C ILE A 320 -18.65 23.10 -4.04
N ASP A 321 -17.58 22.60 -4.67
CA ASP A 321 -16.90 23.27 -5.77
C ASP A 321 -16.37 24.64 -5.37
N GLY A 322 -15.72 24.70 -4.20
CA GLY A 322 -15.10 25.92 -3.72
C GLY A 322 -15.98 26.77 -2.84
N GLU A 323 -17.29 26.50 -2.77
CA GLU A 323 -18.20 27.26 -1.92
C GLU A 323 -18.55 26.40 -0.71
N GLY A 324 -18.39 26.98 0.49
CA GLY A 324 -18.58 26.26 1.72
C GLY A 324 -19.94 26.51 2.35
N PHE A 325 -20.41 25.53 3.12
CA PHE A 325 -21.69 25.64 3.81
C PHE A 325 -21.60 24.90 5.13
N LEU A 326 -22.09 25.52 6.20
CA LEU A 326 -22.22 24.88 7.50
C LEU A 326 -23.68 24.85 7.90
N ILE A 327 -24.21 23.66 8.19
CA ILE A 327 -25.53 23.52 8.77
C ILE A 327 -25.37 23.18 10.23
N THR A 328 -26.14 23.86 11.09
CA THR A 328 -25.99 23.76 12.52
C THR A 328 -27.31 23.37 13.15
N ASN A 329 -27.21 22.60 14.23
CA ASN A 329 -28.36 22.19 15.04
C ASN A 329 -28.42 23.14 16.23
N ARG A 330 -29.34 24.12 16.17
CA ARG A 330 -29.44 25.16 17.20
C ARG A 330 -29.98 24.64 18.54
N GLU A 331 -30.19 23.33 18.65
CA GLU A 331 -30.55 22.70 19.91
C GLU A 331 -29.34 22.18 20.69
N ILE A 332 -28.13 22.36 20.15
CA ILE A 332 -26.90 22.00 20.86
C ILE A 332 -25.88 23.12 20.66
N ILE A 333 -25.98 23.83 19.55
CA ILE A 333 -25.12 24.97 19.29
C ILE A 333 -25.83 26.22 19.80
N SER A 334 -25.32 26.78 20.91
CA SER A 334 -25.94 27.88 21.66
C SER A 334 -26.50 28.99 20.77
N GLU A 335 -25.61 29.78 20.19
CA GLU A 335 -26.02 30.95 19.42
C GLU A 335 -26.29 30.55 17.97
N ASP A 336 -26.26 31.52 17.07
CA ASP A 336 -26.27 31.28 15.64
C ASP A 336 -24.97 31.83 15.05
N ILE A 337 -24.56 31.27 13.93
CA ILE A 337 -23.23 31.55 13.38
C ILE A 337 -23.38 32.47 12.17
N GLU A 338 -22.52 33.47 12.11
CA GLU A 338 -22.42 34.38 10.98
C GLU A 338 -21.52 33.78 9.90
N ASP A 339 -21.75 34.21 8.66
CA ASP A 339 -20.98 33.70 7.52
C ASP A 339 -19.55 34.22 7.59
N PHE A 340 -18.61 33.33 7.91
CA PHE A 340 -17.22 33.71 8.10
C PHE A 340 -16.37 33.11 6.98
N GLU A 341 -15.06 33.31 7.09
CA GLU A 341 -14.09 32.88 6.11
C GLU A 341 -13.00 32.06 6.81
N TYR A 342 -12.56 30.99 6.16
CA TYR A 342 -11.40 30.21 6.61
C TYR A 342 -10.61 29.83 5.36
N THR A 343 -9.53 30.55 5.10
CA THR A 343 -8.63 30.24 3.99
C THR A 343 -7.20 30.16 4.51
N PRO A 344 -6.71 28.95 4.80
CA PRO A 344 -5.39 28.81 5.44
C PRO A 344 -4.20 29.03 4.51
N LYS A 345 -4.39 28.89 3.21
CA LYS A 345 -3.45 29.40 2.24
C LYS A 345 -4.26 30.12 1.18
N PRO A 346 -3.67 31.10 0.48
CA PRO A 346 -4.43 31.78 -0.58
C PRO A 346 -4.99 30.83 -1.62
N GLU A 347 -4.27 29.74 -1.94
CA GLU A 347 -4.72 28.79 -2.94
C GLU A 347 -5.93 27.96 -2.49
N TYR A 348 -6.31 28.01 -1.22
CA TYR A 348 -7.39 27.20 -0.66
C TYR A 348 -8.45 28.10 -0.04
N PRO A 349 -9.27 28.77 -0.85
CA PRO A 349 -10.29 29.69 -0.32
C PRO A 349 -11.45 28.98 0.33
N GLY A 350 -12.07 29.67 1.30
CA GLY A 350 -13.16 29.09 2.05
C GLY A 350 -14.13 30.08 2.68
N PHE A 351 -15.05 30.59 1.87
CA PHE A 351 -16.11 31.47 2.33
C PHE A 351 -17.35 30.61 2.58
N PHE A 352 -17.69 30.42 3.84
CA PHE A 352 -18.81 29.58 4.21
C PHE A 352 -20.05 30.42 4.48
N THR A 353 -21.21 29.88 4.12
CA THR A 353 -22.51 30.44 4.45
C THR A 353 -23.24 29.43 5.34
N ILE A 354 -23.85 29.91 6.41
CA ILE A 354 -24.42 29.01 7.42
C ILE A 354 -25.92 28.89 7.20
N PHE A 355 -26.40 27.66 7.28
CA PHE A 355 -27.82 27.36 7.34
C PHE A 355 -28.09 26.96 8.79
N ASN A 356 -28.53 27.93 9.57
CA ASN A 356 -28.90 27.69 10.97
C ASN A 356 -30.28 27.05 11.00
N GLU A 357 -30.34 25.79 11.39
CA GLU A 357 -31.60 25.06 11.53
C GLU A 357 -31.92 24.83 13.00
N ASN A 358 -33.14 24.39 13.26
CA ASN A 358 -33.63 24.25 14.62
C ASN A 358 -33.24 22.93 15.25
N ASP A 359 -33.98 21.87 14.90
CA ASP A 359 -33.73 20.54 15.41
C ASP A 359 -32.67 19.84 14.54
N GLU A 360 -32.31 18.62 14.93
CA GLU A 360 -31.50 17.74 14.08
C GLU A 360 -32.18 17.48 12.74
N VAL A 361 -33.43 17.00 12.79
CA VAL A 361 -34.13 16.61 11.57
C VAL A 361 -34.14 17.76 10.57
N ALA A 362 -34.19 19.00 11.07
CA ALA A 362 -34.05 20.14 10.18
C ALA A 362 -32.64 20.24 9.63
N LEU A 363 -31.63 19.92 10.45
CA LEU A 363 -30.26 19.87 9.96
C LEU A 363 -30.09 18.76 8.94
N LEU A 364 -30.53 17.54 9.29
CA LEU A 364 -30.41 16.42 8.37
C LEU A 364 -31.13 16.65 7.06
N GLN A 365 -32.12 17.54 7.03
CA GLN A 365 -32.92 17.76 5.84
C GLN A 365 -32.48 18.95 5.01
N ARG A 366 -31.79 19.94 5.61
CA ARG A 366 -31.09 20.92 4.78
C ARG A 366 -29.91 20.24 4.09
N PHE A 367 -29.39 19.17 4.69
CA PHE A 367 -28.33 18.40 4.06
C PHE A 367 -28.87 17.64 2.86
N PHE A 368 -29.85 16.76 3.10
CA PHE A 368 -30.38 15.94 2.02
C PHE A 368 -30.94 16.82 0.90
N GLU A 369 -31.57 17.93 1.26
CA GLU A 369 -32.13 18.83 0.25
C GLU A 369 -31.04 19.52 -0.56
N HIS A 370 -29.91 19.85 0.09
CA HIS A 370 -28.84 20.52 -0.62
C HIS A 370 -28.14 19.58 -1.59
N ILE A 371 -28.14 18.27 -1.30
CA ILE A 371 -27.51 17.33 -2.20
C ILE A 371 -28.32 17.22 -3.49
N ARG A 372 -29.65 17.15 -3.38
CA ARG A 372 -30.50 17.10 -4.56
C ARG A 372 -30.46 18.40 -5.35
N ASP A 373 -30.18 19.52 -4.69
CA ASP A 373 -30.07 20.80 -5.38
C ASP A 373 -28.82 20.85 -6.26
N VAL A 374 -27.71 20.34 -5.74
CA VAL A 374 -26.44 20.42 -6.45
C VAL A 374 -26.19 19.20 -7.34
N ARG A 375 -26.83 18.07 -7.04
CA ARG A 375 -26.66 16.82 -7.78
C ARG A 375 -25.19 16.49 -8.03
N PRO A 376 -24.42 16.24 -6.97
CA PRO A 376 -22.98 16.04 -7.15
C PRO A 376 -22.70 14.61 -7.57
N THR A 377 -21.70 14.45 -8.44
CA THR A 377 -21.29 13.14 -8.91
C THR A 377 -20.05 12.62 -8.19
N VAL A 378 -19.44 13.43 -7.33
CA VAL A 378 -18.41 12.99 -6.38
C VAL A 378 -18.72 13.60 -5.01
N ILE A 379 -18.82 12.75 -3.97
CA ILE A 379 -18.78 13.20 -2.58
C ILE A 379 -17.57 12.57 -1.89
N SER A 380 -16.74 13.41 -1.29
CA SER A 380 -15.54 12.98 -0.59
C SER A 380 -15.72 13.14 0.91
N THR A 381 -15.09 12.24 1.66
CA THR A 381 -15.04 12.29 3.11
C THR A 381 -13.65 11.84 3.56
N PHE A 382 -13.43 11.90 4.88
CA PHE A 382 -12.23 11.35 5.50
C PHE A 382 -12.70 10.33 6.53
N ASN A 383 -12.55 9.04 6.20
CA ASN A 383 -13.04 7.94 7.04
C ASN A 383 -14.56 7.94 7.14
N GLY A 384 -15.22 8.43 6.09
CA GLY A 384 -16.66 8.53 6.08
C GLY A 384 -17.38 7.20 6.00
N ASP A 385 -16.70 6.14 5.55
CA ASP A 385 -17.34 4.82 5.50
C ASP A 385 -17.44 4.20 6.89
N PHE A 386 -16.57 4.59 7.83
CA PHE A 386 -16.56 4.03 9.17
C PHE A 386 -17.32 4.87 10.18
N PHE A 387 -17.35 6.20 10.00
CA PHE A 387 -17.96 7.05 11.01
C PHE A 387 -19.04 7.97 10.45
N ASP A 388 -18.69 8.85 9.51
CA ASP A 388 -19.60 9.90 9.06
C ASP A 388 -20.89 9.34 8.47
N TRP A 389 -20.76 8.47 7.45
CA TRP A 389 -21.97 7.96 6.78
C TRP A 389 -22.84 7.13 7.70
N PRO A 390 -22.34 6.09 8.38
CA PRO A 390 -23.23 5.32 9.27
C PRO A 390 -23.83 6.14 10.39
N PHE A 391 -23.17 7.22 10.82
CA PHE A 391 -23.80 8.07 11.83
C PHE A 391 -25.03 8.76 11.25
N ILE A 392 -24.88 9.40 10.09
CA ILE A 392 -25.99 10.09 9.42
C ILE A 392 -27.09 9.09 9.09
N HIS A 393 -26.71 7.89 8.64
CA HIS A 393 -27.72 6.90 8.26
C HIS A 393 -28.58 6.52 9.45
N ASN A 394 -27.96 6.20 10.58
CA ASN A 394 -28.74 5.70 11.71
C ASN A 394 -29.54 6.79 12.39
N ARG A 395 -29.05 8.03 12.38
CA ARG A 395 -29.81 9.11 12.98
C ARG A 395 -30.96 9.56 12.11
N SER A 396 -30.92 9.27 10.81
CA SER A 396 -32.08 9.55 9.97
C SER A 396 -33.17 8.51 10.20
N LYS A 397 -32.78 7.27 10.46
CA LYS A 397 -33.76 6.23 10.72
C LYS A 397 -34.50 6.49 12.01
N ILE A 398 -33.78 6.92 13.05
CA ILE A 398 -34.44 7.24 14.31
C ILE A 398 -35.40 8.40 14.12
N HIS A 399 -35.06 9.35 13.26
CA HIS A 399 -35.97 10.44 12.90
C HIS A 399 -36.90 10.07 11.75
N GLY A 400 -37.02 8.79 11.43
CA GLY A 400 -38.00 8.33 10.45
C GLY A 400 -37.69 8.63 9.01
N LEU A 401 -36.42 8.73 8.63
CA LEU A 401 -36.03 9.02 7.26
C LEU A 401 -35.35 7.81 6.64
N ASP A 402 -35.67 7.54 5.37
CA ASP A 402 -34.92 6.59 4.55
C ASP A 402 -33.88 7.39 3.76
N MET A 403 -32.60 7.20 4.12
CA MET A 403 -31.54 7.94 3.43
C MET A 403 -31.48 7.54 1.96
N PHE A 404 -31.75 6.26 1.65
CA PHE A 404 -31.79 5.83 0.25
C PHE A 404 -32.82 6.64 -0.53
N ASP A 405 -34.03 6.77 0.01
CA ASP A 405 -35.07 7.50 -0.69
C ASP A 405 -34.74 8.97 -0.83
N GLU A 406 -33.93 9.51 0.09
CA GLU A 406 -33.60 10.94 0.05
C GLU A 406 -32.41 11.22 -0.87
N ILE A 407 -31.40 10.36 -0.84
CA ILE A 407 -30.09 10.72 -1.37
C ILE A 407 -29.66 9.68 -2.39
N GLY A 408 -30.03 8.43 -2.15
CA GLY A 408 -29.59 7.33 -2.98
C GLY A 408 -28.48 6.50 -2.38
N PHE A 409 -27.93 6.93 -1.26
CA PHE A 409 -26.84 6.18 -0.63
C PHE A 409 -27.40 5.11 0.29
N ALA A 410 -26.68 4.00 0.38
CA ALA A 410 -27.02 2.86 1.21
C ALA A 410 -25.80 1.96 1.30
N PRO A 411 -25.61 1.22 2.39
CA PRO A 411 -24.40 0.41 2.53
C PRO A 411 -24.38 -0.76 1.56
N ASP A 412 -23.18 -1.08 1.06
CA ASP A 412 -22.99 -2.24 0.22
C ASP A 412 -22.61 -3.45 1.08
N ALA A 413 -22.17 -4.54 0.45
CA ALA A 413 -21.91 -5.77 1.19
C ALA A 413 -20.78 -5.63 2.20
N GLU A 414 -19.91 -4.63 2.06
CA GLU A 414 -18.84 -4.39 3.01
C GLU A 414 -19.21 -3.33 4.03
N GLY A 415 -20.47 -2.87 4.04
CA GLY A 415 -20.88 -1.80 4.91
C GLY A 415 -20.40 -0.42 4.50
N GLU A 416 -19.73 -0.29 3.36
CA GLU A 416 -19.33 1.02 2.86
C GLU A 416 -20.49 1.65 2.10
N TYR A 417 -20.55 2.97 2.14
CA TYR A 417 -21.70 3.68 1.60
C TYR A 417 -21.42 4.11 0.16
N LYS A 418 -22.30 3.67 -0.74
CA LYS A 418 -22.20 3.93 -2.16
C LYS A 418 -23.57 4.32 -2.70
N SER A 419 -23.57 5.18 -3.71
CA SER A 419 -24.76 5.47 -4.50
C SER A 419 -24.46 5.12 -5.96
N SER A 420 -25.49 5.18 -6.81
CA SER A 420 -25.34 4.86 -8.22
C SER A 420 -24.84 6.04 -9.04
N TYR A 421 -25.44 7.22 -8.87
CA TYR A 421 -25.03 8.38 -9.64
C TYR A 421 -23.77 9.02 -9.09
N CYS A 422 -23.41 8.69 -7.85
CA CYS A 422 -22.42 9.48 -7.13
C CYS A 422 -21.36 8.58 -6.52
N SER A 423 -20.10 8.81 -6.88
CA SER A 423 -19.00 8.10 -6.25
C SER A 423 -18.73 8.66 -4.85
N HIS A 424 -18.45 7.77 -3.90
CA HIS A 424 -18.10 8.18 -2.54
C HIS A 424 -16.59 8.00 -2.36
N MET A 425 -15.88 9.11 -2.30
CA MET A 425 -14.41 9.12 -2.26
C MET A 425 -13.94 9.33 -0.82
N ASP A 426 -13.76 8.24 -0.09
CA ASP A 426 -13.17 8.27 1.23
C ASP A 426 -11.65 8.44 1.07
N CYS A 427 -11.17 9.65 1.30
CA CYS A 427 -9.73 9.93 1.16
C CYS A 427 -8.90 9.06 2.08
N PHE A 428 -9.46 8.64 3.21
CA PHE A 428 -8.73 7.74 4.11
C PHE A 428 -8.24 6.49 3.37
N ARG A 429 -8.98 6.06 2.35
CA ARG A 429 -8.51 4.94 1.54
C ARG A 429 -7.35 5.34 0.64
N TRP A 430 -7.28 6.61 0.24
CA TRP A 430 -6.16 7.05 -0.58
C TRP A 430 -4.89 7.19 0.24
N VAL A 431 -4.95 7.96 1.34
CA VAL A 431 -3.78 8.12 2.21
C VAL A 431 -3.24 6.76 2.63
N LYS A 432 -4.14 5.81 2.91
CA LYS A 432 -3.70 4.51 3.40
C LYS A 432 -3.01 3.69 2.30
N ARG A 433 -3.47 3.81 1.06
CA ARG A 433 -2.92 2.97 -0.01
C ARG A 433 -1.79 3.64 -0.77
N ASP A 434 -1.97 4.92 -1.14
CA ASP A 434 -1.15 5.55 -2.17
C ASP A 434 -0.34 6.76 -1.71
N SER A 435 -0.51 7.24 -0.48
CA SER A 435 0.19 8.45 -0.07
C SER A 435 1.66 8.21 0.20
N TYR A 436 2.07 6.96 0.43
CA TYR A 436 3.43 6.63 0.85
C TYR A 436 3.82 7.39 2.13
N LEU A 437 2.84 7.63 3.01
CA LEU A 437 3.04 8.20 4.35
C LEU A 437 2.98 7.11 5.41
N PRO A 438 3.85 7.18 6.42
CA PRO A 438 3.74 6.25 7.53
C PRO A 438 2.38 6.35 8.21
N GLN A 439 1.93 5.22 8.75
CA GLN A 439 0.64 5.20 9.45
C GLN A 439 0.57 6.24 10.56
N GLY A 440 1.69 6.53 11.22
CA GLY A 440 1.73 7.60 12.19
C GLY A 440 1.37 8.96 11.64
N SER A 441 1.51 9.17 10.33
CA SER A 441 1.22 10.45 9.71
C SER A 441 0.00 10.38 8.79
N GLN A 442 -0.94 9.48 9.08
CA GLN A 442 -2.11 9.30 8.21
C GLN A 442 -3.38 9.90 8.78
N GLY A 443 -3.31 10.55 9.95
CA GLY A 443 -4.45 11.33 10.40
C GLY A 443 -4.60 12.59 9.60
N LEU A 444 -5.81 13.16 9.64
CA LEU A 444 -6.08 14.31 8.78
C LEU A 444 -5.22 15.52 9.17
N LYS A 445 -4.89 15.65 10.45
CA LYS A 445 -3.97 16.72 10.87
C LYS A 445 -2.67 16.63 10.10
N ALA A 446 -1.98 15.49 10.22
CA ALA A 446 -0.69 15.32 9.56
C ALA A 446 -0.83 15.37 8.04
N VAL A 447 -1.92 14.80 7.51
CA VAL A 447 -2.09 14.77 6.04
C VAL A 447 -2.21 16.17 5.47
N THR A 448 -2.80 17.10 6.23
CA THR A 448 -2.90 18.48 5.78
C THR A 448 -1.53 19.16 5.73
N GLN A 449 -0.75 19.00 6.80
CA GLN A 449 0.57 19.64 6.85
C GLN A 449 1.50 19.08 5.81
N SER A 450 1.47 17.76 5.61
CA SER A 450 2.34 17.12 4.63
C SER A 450 2.01 17.59 3.22
N LYS A 451 0.76 17.43 2.81
CA LYS A 451 0.41 17.54 1.40
C LYS A 451 -0.36 18.80 1.04
N LEU A 452 -0.84 19.58 2.01
CA LEU A 452 -1.47 20.86 1.70
C LEU A 452 -0.67 22.07 2.14
N GLY A 453 0.25 21.89 3.09
CA GLY A 453 1.22 22.92 3.42
C GLY A 453 0.78 23.95 4.44
N TYR A 454 -0.10 23.58 5.36
CA TYR A 454 -0.46 24.48 6.45
C TYR A 454 -0.91 23.67 7.65
N ASN A 455 -1.13 24.37 8.76
CA ASN A 455 -1.56 23.72 9.99
C ASN A 455 -3.04 23.97 10.22
N PRO A 456 -3.90 22.97 10.07
CA PRO A 456 -5.34 23.20 10.22
C PRO A 456 -5.70 23.42 11.68
N ILE A 457 -6.95 23.84 11.88
CA ILE A 457 -7.44 24.09 13.22
C ILE A 457 -7.52 22.76 13.99
N GLU A 458 -7.21 22.81 15.28
CA GLU A 458 -7.03 21.64 16.12
C GLU A 458 -7.80 21.85 17.41
N LEU A 459 -8.57 20.85 17.85
CA LEU A 459 -9.42 21.00 19.03
C LEU A 459 -9.56 19.68 19.76
N ASP A 460 -9.30 19.70 21.06
CA ASP A 460 -9.43 18.53 21.92
C ASP A 460 -10.84 17.94 21.81
N PRO A 461 -11.00 16.70 21.39
CA PRO A 461 -12.34 16.11 21.26
C PRO A 461 -13.14 16.07 22.55
N GLU A 462 -12.51 16.31 23.71
CA GLU A 462 -13.25 16.38 24.97
C GLU A 462 -13.89 17.75 25.18
N LEU A 463 -13.24 18.80 24.69
CA LEU A 463 -13.77 20.16 24.71
C LEU A 463 -14.85 20.38 23.65
N MET A 464 -15.11 19.38 22.81
CA MET A 464 -15.93 19.57 21.62
C MET A 464 -17.37 19.86 21.99
N THR A 465 -18.03 18.94 22.68
CA THR A 465 -19.42 19.12 23.05
C THR A 465 -19.67 20.25 24.05
N PRO A 466 -18.81 20.51 25.05
CA PRO A 466 -19.05 21.68 25.92
C PRO A 466 -18.83 23.00 25.21
N TYR A 467 -17.80 23.10 24.36
CA TYR A 467 -17.62 24.31 23.56
C TYR A 467 -18.80 24.57 22.65
N ALA A 468 -19.62 23.55 22.37
CA ALA A 468 -20.88 23.79 21.70
C ALA A 468 -21.74 24.76 22.51
N PHE A 469 -21.78 24.58 23.83
CA PHE A 469 -22.49 25.51 24.70
C PHE A 469 -21.70 26.80 24.88
N GLU A 470 -20.41 26.69 25.20
CA GLU A 470 -19.67 27.83 25.72
C GLU A 470 -19.11 28.70 24.60
N LYS A 471 -18.43 28.10 23.62
CA LYS A 471 -17.75 28.83 22.56
C LYS A 471 -18.14 28.25 21.21
N PRO A 472 -19.28 28.66 20.65
CA PRO A 472 -19.76 28.02 19.41
C PRO A 472 -18.98 28.44 18.17
N GLN A 473 -18.45 29.65 18.11
CA GLN A 473 -17.69 30.05 16.93
C GLN A 473 -16.42 29.23 16.78
N HIS A 474 -15.73 28.94 17.89
CA HIS A 474 -14.50 28.16 17.82
C HIS A 474 -14.79 26.76 17.31
N LEU A 475 -15.82 26.11 17.85
CA LEU A 475 -16.19 24.79 17.36
C LEU A 475 -16.71 24.85 15.94
N SER A 476 -17.32 25.98 15.55
CA SER A 476 -17.75 26.16 14.17
C SER A 476 -16.55 26.29 13.24
N GLU A 477 -15.47 26.94 13.69
CA GLU A 477 -14.30 27.10 12.83
C GLU A 477 -13.35 25.92 12.89
N TYR A 478 -13.54 24.97 13.82
CA TYR A 478 -12.85 23.69 13.72
C TYR A 478 -13.62 22.74 12.83
N SER A 479 -14.94 22.92 12.72
CA SER A 479 -15.74 22.06 11.86
C SER A 479 -15.50 22.34 10.38
N VAL A 480 -15.36 23.62 10.01
CA VAL A 480 -15.04 23.96 8.63
C VAL A 480 -13.55 23.79 8.34
N SER A 481 -12.70 23.73 9.37
CA SER A 481 -11.30 23.36 9.18
C SER A 481 -11.20 21.99 8.51
N ASP A 482 -11.87 20.99 9.10
CA ASP A 482 -11.84 19.64 8.55
C ASP A 482 -12.46 19.58 7.17
N ALA A 483 -13.44 20.45 6.88
CA ALA A 483 -14.08 20.43 5.57
C ALA A 483 -13.22 21.07 4.49
N VAL A 484 -12.57 22.19 4.78
CA VAL A 484 -11.70 22.81 3.79
C VAL A 484 -10.54 21.89 3.45
N ALA A 485 -9.96 21.24 4.47
CA ALA A 485 -8.85 20.33 4.20
C ALA A 485 -9.30 19.13 3.38
N THR A 486 -10.50 18.61 3.66
CA THR A 486 -10.96 17.42 2.95
C THR A 486 -11.25 17.72 1.49
N TYR A 487 -11.92 18.84 1.20
CA TYR A 487 -12.29 19.15 -0.17
C TYR A 487 -11.05 19.38 -1.03
N TYR A 488 -10.08 20.14 -0.51
CA TYR A 488 -8.91 20.46 -1.31
C TYR A 488 -7.92 19.31 -1.38
N LEU A 489 -7.85 18.47 -0.33
CA LEU A 489 -7.04 17.26 -0.43
C LEU A 489 -7.55 16.35 -1.54
N TYR A 490 -8.87 16.27 -1.69
CA TYR A 490 -9.44 15.45 -2.76
C TYR A 490 -9.15 16.04 -4.13
N MET A 491 -9.34 17.35 -4.30
CA MET A 491 -9.22 17.96 -5.62
C MET A 491 -7.78 18.06 -6.10
N LYS A 492 -6.80 18.04 -5.20
CA LYS A 492 -5.39 18.17 -5.59
C LYS A 492 -4.70 16.82 -5.77
N TYR A 493 -5.08 15.82 -4.97
CA TYR A 493 -4.36 14.55 -4.91
C TYR A 493 -5.19 13.34 -5.29
N VAL A 494 -6.44 13.26 -4.84
CA VAL A 494 -7.23 12.03 -5.01
C VAL A 494 -7.91 12.01 -6.35
N HIS A 495 -8.59 13.10 -6.70
CA HIS A 495 -9.31 13.20 -7.96
C HIS A 495 -8.42 12.97 -9.18
N PRO A 496 -7.31 13.70 -9.39
CA PRO A 496 -6.52 13.42 -10.60
C PRO A 496 -5.99 12.00 -10.67
N PHE A 497 -5.57 11.42 -9.54
CA PHE A 497 -4.93 10.11 -9.57
C PHE A 497 -5.94 9.02 -9.90
N ILE A 498 -7.09 9.01 -9.20
CA ILE A 498 -8.03 7.90 -9.36
C ILE A 498 -8.67 7.93 -10.74
N PHE A 499 -9.18 9.09 -11.17
CA PHE A 499 -9.84 9.17 -12.47
C PHE A 499 -8.86 8.94 -13.61
N SER A 500 -7.58 9.27 -13.42
CA SER A 500 -6.60 8.88 -14.43
C SER A 500 -6.31 7.39 -14.35
N LEU A 501 -6.27 6.84 -13.14
CA LEU A 501 -6.10 5.39 -13.00
C LEU A 501 -7.26 4.64 -13.62
N CYS A 502 -8.45 5.25 -13.61
CA CYS A 502 -9.64 4.61 -14.16
C CYS A 502 -9.58 4.46 -15.68
N THR A 503 -8.79 5.31 -16.36
CA THR A 503 -8.70 5.19 -17.81
C THR A 503 -7.93 3.95 -18.26
N ILE A 504 -7.22 3.28 -17.36
CA ILE A 504 -6.49 2.07 -17.71
C ILE A 504 -6.94 0.84 -16.90
N ILE A 505 -7.71 1.01 -15.84
CA ILE A 505 -8.16 -0.11 -15.01
C ILE A 505 -9.66 -0.28 -15.21
N PRO A 506 -10.13 -1.50 -15.54
CA PRO A 506 -11.56 -1.69 -15.86
C PRO A 506 -12.46 -1.72 -14.63
N LEU A 507 -12.43 -0.63 -13.87
CA LEU A 507 -13.26 -0.47 -12.69
C LEU A 507 -13.77 0.96 -12.66
N ASN A 508 -14.75 1.21 -11.80
CA ASN A 508 -15.30 2.55 -11.64
C ASN A 508 -14.59 3.26 -10.49
N PRO A 509 -14.84 4.57 -10.29
CA PRO A 509 -14.09 5.29 -9.26
C PRO A 509 -14.15 4.68 -7.86
N ASP A 510 -15.30 4.15 -7.43
CA ASP A 510 -15.39 3.59 -6.08
C ASP A 510 -14.38 2.46 -5.88
N GLU A 511 -14.29 1.55 -6.86
CA GLU A 511 -13.42 0.40 -6.70
C GLU A 511 -11.96 0.73 -7.01
N THR A 512 -11.70 1.69 -7.88
CA THR A 512 -10.33 2.10 -8.11
C THR A 512 -9.71 2.65 -6.84
N LEU A 513 -10.51 3.37 -6.06
CA LEU A 513 -10.04 3.97 -4.82
C LEU A 513 -9.73 2.89 -3.77
N ARG A 514 -10.58 1.86 -3.69
CA ARG A 514 -10.60 0.96 -2.54
C ARG A 514 -9.98 -0.42 -2.77
N LYS A 515 -9.88 -0.89 -4.01
CA LYS A 515 -9.32 -2.21 -4.21
C LYS A 515 -7.82 -2.22 -3.91
N GLY A 516 -7.31 -3.39 -3.52
CA GLY A 516 -5.91 -3.50 -3.19
C GLY A 516 -5.01 -3.51 -4.41
N THR A 517 -3.74 -3.14 -4.20
CA THR A 517 -2.83 -3.00 -5.33
C THR A 517 -2.62 -4.33 -6.04
N GLY A 518 -2.60 -5.44 -5.29
CA GLY A 518 -2.58 -6.73 -5.94
C GLY A 518 -3.72 -6.91 -6.92
N THR A 519 -4.92 -6.46 -6.54
CA THR A 519 -6.09 -6.63 -7.38
C THR A 519 -6.06 -5.68 -8.57
N LEU A 520 -5.65 -4.42 -8.36
CA LEU A 520 -5.42 -3.52 -9.49
C LEU A 520 -4.47 -4.16 -10.51
N CYS A 521 -3.40 -4.81 -10.03
CA CYS A 521 -2.48 -5.46 -10.96
C CYS A 521 -3.18 -6.58 -11.72
N GLU A 522 -4.04 -7.34 -11.05
CA GLU A 522 -4.75 -8.43 -11.71
C GLU A 522 -5.64 -7.89 -12.82
N MET A 523 -6.29 -6.75 -12.60
CA MET A 523 -7.10 -6.12 -13.63
C MET A 523 -6.27 -5.81 -14.86
N LEU A 524 -5.20 -5.02 -14.69
CA LEU A 524 -4.30 -4.69 -15.80
C LEU A 524 -3.85 -5.96 -16.52
N LEU A 525 -3.53 -7.00 -15.75
CA LEU A 525 -3.08 -8.24 -16.40
C LEU A 525 -4.20 -8.93 -17.15
N MET A 526 -5.45 -8.75 -16.71
CA MET A 526 -6.55 -9.47 -17.34
C MET A 526 -6.95 -8.83 -18.67
N VAL A 527 -6.86 -7.51 -18.77
CA VAL A 527 -7.01 -6.84 -20.05
C VAL A 527 -5.98 -7.38 -21.03
N GLN A 528 -4.71 -7.49 -20.60
CA GLN A 528 -3.65 -7.97 -21.48
C GLN A 528 -3.90 -9.41 -21.91
N ALA A 529 -4.16 -10.30 -20.95
CA ALA A 529 -4.40 -11.69 -21.30
C ALA A 529 -5.54 -11.81 -22.29
N TYR A 530 -6.60 -11.03 -22.10
CA TYR A 530 -7.78 -11.11 -22.95
C TYR A 530 -7.46 -10.60 -24.36
N GLN A 531 -6.86 -9.42 -24.45
CA GLN A 531 -6.59 -8.80 -25.74
C GLN A 531 -5.56 -9.56 -26.57
N HIS A 532 -4.69 -10.35 -25.94
CA HIS A 532 -3.86 -11.30 -26.67
C HIS A 532 -4.49 -12.69 -26.74
N ASN A 533 -5.80 -12.80 -26.51
CA ASN A 533 -6.55 -14.06 -26.64
C ASN A 533 -5.94 -15.16 -25.77
N ILE A 534 -5.43 -14.79 -24.60
CA ILE A 534 -4.84 -15.74 -23.67
C ILE A 534 -5.89 -16.18 -22.66
N LEU A 535 -6.09 -17.49 -22.56
CA LEU A 535 -7.05 -18.04 -21.62
C LEU A 535 -6.58 -17.75 -20.19
N LEU A 536 -7.47 -17.15 -19.42
CA LEU A 536 -7.20 -16.81 -18.04
C LEU A 536 -7.01 -18.08 -17.21
N PRO A 537 -6.03 -18.11 -16.31
CA PRO A 537 -5.98 -19.21 -15.34
C PRO A 537 -7.00 -18.99 -14.23
N ASN A 538 -7.36 -20.09 -13.59
CA ASN A 538 -8.20 -19.98 -12.42
C ASN A 538 -7.36 -19.52 -11.22
N LYS A 539 -8.04 -19.01 -10.19
CA LYS A 539 -7.35 -18.51 -9.02
C LYS A 539 -6.67 -19.66 -8.27
N HIS A 540 -5.48 -19.37 -7.74
CA HIS A 540 -4.72 -20.33 -6.93
C HIS A 540 -5.44 -20.65 -5.63
N THR A 541 -5.41 -21.94 -5.25
CA THR A 541 -5.92 -22.38 -3.95
C THR A 541 -4.78 -22.93 -3.12
N ASP A 542 -4.70 -22.48 -1.87
CA ASP A 542 -3.54 -22.75 -1.01
C ASP A 542 -3.40 -24.25 -0.77
N PRO A 543 -2.20 -24.81 -0.92
CA PRO A 543 -1.97 -26.19 -0.46
C PRO A 543 -2.27 -26.28 1.03
N ILE A 544 -3.20 -27.18 1.37
CA ILE A 544 -3.67 -27.24 2.75
C ILE A 544 -2.62 -27.89 3.65
N GLU A 545 -1.78 -28.76 3.10
CA GLU A 545 -0.61 -29.28 3.79
C GLU A 545 0.52 -29.42 2.78
N ARG A 546 1.74 -29.36 3.28
CA ARG A 546 2.91 -29.76 2.52
C ARG A 546 3.86 -30.43 3.51
N PHE A 547 4.79 -31.22 2.99
CA PHE A 547 5.68 -31.95 3.86
C PHE A 547 7.11 -31.84 3.37
N TYR A 548 8.04 -31.75 4.33
CA TYR A 548 9.47 -31.64 4.05
C TYR A 548 10.19 -32.71 4.85
N ASP A 549 10.71 -33.73 4.16
CA ASP A 549 11.30 -34.92 4.78
C ASP A 549 10.44 -35.41 5.95
N GLY A 550 9.13 -35.41 5.73
CA GLY A 550 8.18 -35.94 6.67
C GLY A 550 7.66 -34.95 7.69
N HIS A 551 8.32 -33.80 7.85
CA HIS A 551 7.89 -32.80 8.82
C HIS A 551 6.85 -31.90 8.20
N LEU A 552 5.71 -31.75 8.88
CA LEU A 552 4.70 -30.79 8.46
C LEU A 552 5.29 -29.37 8.52
N LEU A 553 5.03 -28.60 7.47
CA LEU A 553 5.56 -27.24 7.38
C LEU A 553 4.52 -26.22 7.81
N GLU A 554 4.99 -25.15 8.45
CA GLU A 554 4.14 -23.98 8.67
C GLU A 554 4.28 -23.04 7.48
N SER A 555 5.47 -22.49 7.23
CA SER A 555 5.63 -21.51 6.16
C SER A 555 6.65 -21.99 5.12
N GLU A 556 6.21 -21.97 3.86
CA GLU A 556 7.08 -22.04 2.70
C GLU A 556 7.29 -20.61 2.18
N THR A 557 8.55 -20.21 2.02
CA THR A 557 8.90 -18.84 1.66
C THR A 557 10.19 -18.89 0.84
N TYR A 558 10.78 -17.72 0.62
CA TYR A 558 12.06 -17.58 -0.06
C TYR A 558 12.85 -16.51 0.67
N VAL A 559 14.17 -16.50 0.47
CA VAL A 559 14.99 -15.49 1.12
C VAL A 559 14.78 -14.17 0.39
N GLY A 560 14.26 -13.18 1.11
CA GLY A 560 13.96 -11.89 0.52
C GLY A 560 15.17 -11.01 0.31
N GLY A 561 15.02 -9.72 0.61
CA GLY A 561 16.11 -8.78 0.39
C GLY A 561 17.24 -8.94 1.39
N HIS A 562 18.42 -8.54 0.93
CA HIS A 562 19.62 -8.48 1.76
C HIS A 562 19.74 -7.09 2.37
N VAL A 563 20.06 -7.05 3.68
CA VAL A 563 20.25 -5.78 4.37
C VAL A 563 21.36 -5.97 5.40
N GLU A 564 22.25 -4.98 5.49
CA GLU A 564 23.44 -5.07 6.31
C GLU A 564 23.62 -3.76 7.07
N SER A 565 23.85 -3.87 8.38
CA SER A 565 24.43 -2.76 9.13
C SER A 565 25.94 -2.98 9.15
N LEU A 566 26.69 -1.97 8.77
CA LEU A 566 28.14 -2.11 8.67
C LEU A 566 28.90 -1.20 9.63
N GLU A 567 28.49 0.06 9.72
CA GLU A 567 29.11 1.00 10.63
C GLU A 567 28.04 1.88 11.25
N ALA A 568 28.29 2.36 12.46
CA ALA A 568 27.42 3.32 13.11
C ALA A 568 28.24 4.54 13.50
N GLY A 569 27.55 5.57 13.97
CA GLY A 569 28.23 6.78 14.35
C GLY A 569 27.82 7.99 13.53
N VAL A 570 28.57 9.07 13.65
CA VAL A 570 28.33 10.29 12.89
C VAL A 570 29.34 10.36 11.77
N PHE A 571 28.85 10.54 10.55
CA PHE A 571 29.72 10.80 9.41
C PHE A 571 29.29 12.12 8.80
N ARG A 572 30.26 12.93 8.43
CA ARG A 572 29.98 14.33 8.14
C ARG A 572 31.03 14.86 7.19
N SER A 573 30.63 15.85 6.39
CA SER A 573 31.52 16.37 5.37
C SER A 573 32.68 17.14 5.97
N ASP A 574 32.42 17.85 7.07
CA ASP A 574 33.45 18.72 7.67
C ASP A 574 34.47 17.96 8.50
N LEU A 575 34.29 16.65 8.72
CA LEU A 575 35.15 15.89 9.63
C LEU A 575 35.81 14.75 8.88
N LYS A 576 37.14 14.67 8.97
CA LYS A 576 37.91 13.72 8.20
C LYS A 576 37.53 12.28 8.56
N ASN A 577 37.94 11.36 7.69
CA ASN A 577 37.71 9.93 7.88
C ASN A 577 38.88 9.16 7.32
N GLU A 578 39.23 8.05 7.96
CA GLU A 578 40.32 7.22 7.47
C GLU A 578 39.80 6.18 6.50
N PHE A 579 40.45 6.09 5.34
CA PHE A 579 40.15 5.09 4.32
C PHE A 579 41.39 4.24 4.07
N LYS A 580 41.19 2.99 3.68
CA LYS A 580 42.27 2.10 3.27
C LYS A 580 41.89 1.51 1.91
N ILE A 581 42.34 2.16 0.85
CA ILE A 581 41.91 1.80 -0.50
C ILE A 581 42.67 0.56 -0.97
N ASP A 582 41.96 -0.40 -1.51
CA ASP A 582 42.57 -1.58 -2.10
C ASP A 582 43.22 -1.18 -3.42
N PRO A 583 44.55 -1.20 -3.54
CA PRO A 583 45.16 -0.87 -4.85
C PRO A 583 44.69 -1.81 -5.94
N SER A 584 44.49 -3.09 -5.60
CA SER A 584 44.05 -4.06 -6.59
C SER A 584 42.67 -3.75 -7.12
N ALA A 585 41.83 -3.04 -6.36
CA ALA A 585 40.53 -2.64 -6.88
C ALA A 585 40.66 -1.50 -7.86
N ILE A 586 41.50 -0.51 -7.55
CA ILE A 586 41.74 0.57 -8.50
C ILE A 586 42.19 -0.01 -9.83
N ASP A 587 43.27 -0.82 -9.81
CA ASP A 587 43.75 -1.50 -11.02
C ASP A 587 42.58 -2.03 -11.87
N GLU A 588 41.61 -2.67 -11.23
CA GLU A 588 40.43 -3.15 -11.96
C GLU A 588 39.68 -1.99 -12.60
N LEU A 589 39.45 -0.92 -11.84
CA LEU A 589 38.63 0.17 -12.33
C LEU A 589 39.21 0.82 -13.58
N LEU A 590 40.54 0.99 -13.62
CA LEU A 590 41.13 1.61 -14.81
C LEU A 590 41.19 0.63 -15.98
N GLN A 591 41.32 -0.68 -15.70
CA GLN A 591 41.22 -1.66 -16.78
C GLN A 591 39.87 -1.58 -17.48
N GLU A 592 38.78 -1.50 -16.70
CA GLU A 592 37.44 -1.37 -17.23
C GLU A 592 37.02 0.08 -17.40
N LEU A 593 37.87 1.04 -17.05
CA LEU A 593 37.52 2.46 -17.25
C LEU A 593 37.17 2.77 -18.70
N PRO A 594 37.99 2.44 -19.71
CA PRO A 594 37.66 2.87 -21.08
C PRO A 594 36.28 2.42 -21.54
N GLU A 595 35.95 1.14 -21.34
CA GLU A 595 34.63 0.65 -21.75
C GLU A 595 33.52 1.17 -20.86
N ALA A 596 33.83 1.58 -19.63
CA ALA A 596 32.79 2.05 -18.71
C ALA A 596 32.34 3.48 -19.02
N LEU A 597 33.22 4.33 -19.53
CA LEU A 597 32.76 5.64 -19.97
C LEU A 597 32.15 5.60 -21.37
N LYS A 598 32.48 4.58 -22.18
CA LYS A 598 31.67 4.35 -23.37
C LYS A 598 30.26 3.96 -22.98
N PHE A 599 30.14 3.17 -21.90
CA PHE A 599 28.84 2.76 -21.38
C PHE A 599 28.04 3.95 -20.87
N SER A 600 28.69 4.83 -20.10
CA SER A 600 27.97 6.01 -19.58
C SER A 600 27.44 6.87 -20.70
N VAL A 601 28.13 6.92 -21.83
CA VAL A 601 27.75 7.81 -22.93
C VAL A 601 26.67 7.17 -23.79
N GLU A 602 26.88 5.92 -24.20
CA GLU A 602 25.99 5.26 -25.16
C GLU A 602 24.76 4.62 -24.53
N VAL A 603 24.87 4.03 -23.34
CA VAL A 603 23.79 3.27 -22.75
C VAL A 603 23.14 3.94 -21.54
N GLU A 604 23.89 4.76 -20.80
CA GLU A 604 23.26 5.51 -19.72
C GLU A 604 22.58 6.76 -20.24
N ASN A 605 23.25 7.51 -21.11
CA ASN A 605 22.72 8.75 -21.66
C ASN A 605 22.19 8.61 -23.09
N LYS A 606 22.35 7.44 -23.70
CA LYS A 606 21.81 7.17 -25.04
C LYS A 606 22.35 8.15 -26.07
N SER A 607 23.67 8.09 -26.26
CA SER A 607 24.34 8.94 -27.24
C SER A 607 25.39 8.08 -27.93
N SER A 608 26.33 8.75 -28.59
CA SER A 608 27.45 8.10 -29.25
C SER A 608 28.74 8.80 -28.82
N VAL A 609 29.79 8.01 -28.58
CA VAL A 609 31.08 8.60 -28.26
C VAL A 609 31.56 9.47 -29.41
N ASP A 610 31.15 9.15 -30.63
CA ASP A 610 31.59 9.87 -31.83
C ASP A 610 31.17 11.34 -31.81
N LYS A 611 30.22 11.73 -30.97
CA LYS A 611 29.71 13.08 -30.93
C LYS A 611 30.17 13.86 -29.70
N VAL A 612 31.09 13.32 -28.91
CA VAL A 612 31.49 13.92 -27.64
C VAL A 612 32.87 14.54 -27.80
N THR A 613 32.98 15.82 -27.40
CA THR A 613 34.22 16.57 -27.58
C THR A 613 35.31 16.08 -26.63
N ASN A 614 34.99 15.92 -25.35
CA ASN A 614 35.99 15.82 -24.29
C ASN A 614 36.00 14.45 -23.61
N PHE A 615 35.87 13.38 -24.40
CA PHE A 615 35.90 12.04 -23.83
C PHE A 615 37.27 11.72 -23.25
N GLU A 616 38.33 12.01 -24.00
CA GLU A 616 39.69 11.71 -23.53
C GLU A 616 40.06 12.57 -22.33
N GLU A 617 39.61 13.83 -22.31
CA GLU A 617 39.92 14.72 -21.19
C GLU A 617 39.34 14.18 -19.90
N ILE A 618 38.06 13.81 -19.92
CA ILE A 618 37.43 13.21 -18.75
C ILE A 618 38.09 11.87 -18.43
N LYS A 619 38.45 11.10 -19.47
CA LYS A 619 39.10 9.81 -19.24
C LYS A 619 40.47 9.97 -18.59
N ASN A 620 41.14 11.10 -18.82
CA ASN A 620 42.45 11.31 -18.23
C ASN A 620 42.33 11.85 -16.80
N GLN A 621 41.38 12.76 -16.57
CA GLN A 621 41.19 13.33 -15.24
C GLN A 621 40.83 12.26 -14.21
N ILE A 622 40.06 11.25 -14.62
CA ILE A 622 39.74 10.16 -13.71
C ILE A 622 40.96 9.28 -13.50
N THR A 623 41.78 9.11 -14.54
CA THR A 623 42.92 8.21 -14.47
C THR A 623 43.94 8.68 -13.42
N GLN A 624 44.28 9.97 -13.43
CA GLN A 624 45.23 10.49 -12.45
C GLN A 624 44.65 10.40 -11.04
N LYS A 625 43.37 10.75 -10.87
CA LYS A 625 42.74 10.64 -9.56
C LYS A 625 42.71 9.19 -9.07
N LEU A 626 42.35 8.25 -9.94
CA LEU A 626 42.41 6.84 -9.59
C LEU A 626 43.86 6.41 -9.33
N LEU A 627 44.80 6.91 -10.15
CA LEU A 627 46.20 6.53 -9.98
C LEU A 627 46.79 7.11 -8.71
N GLU A 628 46.52 8.40 -8.42
CA GLU A 628 46.99 9.02 -7.19
C GLU A 628 46.54 8.21 -5.97
N LEU A 629 45.29 7.76 -5.97
CA LEU A 629 44.74 6.98 -4.87
C LEU A 629 45.25 5.55 -4.85
N LYS A 630 45.87 5.08 -5.94
CA LYS A 630 46.42 3.73 -5.94
C LYS A 630 47.73 3.67 -5.17
N GLU A 631 48.59 4.68 -5.32
CA GLU A 631 49.85 4.69 -4.59
C GLU A 631 49.66 5.17 -3.15
N ASN A 632 48.99 6.31 -2.99
CA ASN A 632 48.68 6.83 -1.66
C ASN A 632 47.33 6.29 -1.19
N ASN A 633 47.33 5.00 -0.84
CA ASN A 633 46.06 4.32 -0.55
C ASN A 633 45.58 4.64 0.87
N ILE A 634 46.41 4.39 1.89
CA ILE A 634 45.99 4.66 3.26
C ILE A 634 45.91 6.17 3.44
N ARG A 635 44.68 6.69 3.49
CA ARG A 635 44.41 8.11 3.35
C ARG A 635 43.41 8.53 4.43
N ASN A 636 43.53 9.77 4.88
CA ASN A 636 42.65 10.32 5.90
C ASN A 636 42.15 11.68 5.43
N GLU A 637 40.89 11.75 5.04
CA GLU A 637 40.37 12.89 4.31
C GLU A 637 38.91 13.12 4.67
N LEU A 638 38.38 14.26 4.27
CA LEU A 638 36.94 14.46 4.30
C LEU A 638 36.25 13.42 3.42
N PRO A 639 35.05 12.99 3.80
CA PRO A 639 34.33 12.02 2.97
C PRO A 639 33.31 12.66 2.06
N LEU A 640 32.91 11.91 1.03
CA LEU A 640 31.74 12.21 0.22
C LEU A 640 30.63 11.26 0.66
N ILE A 641 29.60 11.79 1.30
CA ILE A 641 28.47 10.97 1.77
C ILE A 641 27.51 10.77 0.60
N TYR A 642 27.37 9.54 0.15
CA TYR A 642 26.53 9.22 -0.99
C TYR A 642 25.59 8.03 -0.80
N HIS A 643 24.60 7.96 -1.68
CA HIS A 643 23.58 6.92 -1.74
C HIS A 643 23.42 6.44 -3.17
N VAL A 644 23.48 5.14 -3.32
CA VAL A 644 23.36 4.44 -4.57
C VAL A 644 22.14 3.58 -4.40
N ASP A 645 21.37 3.48 -5.45
CA ASP A 645 20.07 2.80 -5.36
C ASP A 645 19.55 2.45 -6.76
N VAL A 646 19.14 1.19 -6.93
CA VAL A 646 18.64 0.68 -8.21
C VAL A 646 17.23 1.20 -8.44
N ALA A 647 17.00 1.74 -9.63
CA ALA A 647 15.70 2.31 -9.99
C ALA A 647 14.72 1.20 -10.33
N SER A 648 13.60 1.18 -9.62
CA SER A 648 12.62 0.09 -9.68
C SER A 648 13.30 -1.27 -9.76
N MET A 649 13.93 -1.72 -8.67
CA MET A 649 14.81 -2.88 -8.78
C MET A 649 14.06 -4.12 -9.22
N TYR A 650 13.12 -4.59 -8.40
CA TYR A 650 12.48 -5.86 -8.71
C TYR A 650 11.78 -5.86 -10.07
N PRO A 651 11.04 -4.82 -10.47
CA PRO A 651 10.46 -4.86 -11.84
C PRO A 651 11.51 -5.01 -12.93
N ASN A 652 12.58 -4.23 -12.86
CA ASN A 652 13.64 -4.31 -13.86
C ASN A 652 14.34 -5.67 -13.83
N ILE A 653 14.47 -6.30 -12.67
CA ILE A 653 15.06 -7.64 -12.65
C ILE A 653 14.15 -8.62 -13.35
N MET A 654 12.83 -8.42 -13.24
CA MET A 654 11.87 -9.27 -13.93
C MET A 654 11.88 -9.01 -15.43
N THR A 655 11.82 -7.75 -15.84
CA THR A 655 11.86 -7.45 -17.27
C THR A 655 13.19 -7.84 -17.90
N THR A 656 14.31 -7.57 -17.22
CA THR A 656 15.62 -7.93 -17.77
C THR A 656 15.73 -9.43 -18.00
N ASN A 657 15.19 -10.22 -17.08
CA ASN A 657 15.29 -11.67 -17.13
C ASN A 657 14.07 -12.32 -17.73
N ARG A 658 13.12 -11.52 -18.24
CA ARG A 658 11.91 -12.07 -18.82
C ARG A 658 11.16 -12.92 -17.81
N LEU A 659 11.19 -12.47 -16.55
CA LEU A 659 10.64 -13.23 -15.44
C LEU A 659 9.13 -13.02 -15.37
N GLN A 660 8.39 -14.11 -15.52
CA GLN A 660 6.95 -14.09 -15.35
C GLN A 660 6.51 -15.50 -14.98
N PRO A 661 5.38 -15.64 -14.26
CA PRO A 661 4.98 -16.97 -13.77
C PRO A 661 4.87 -18.03 -14.85
N ASP A 662 4.27 -17.71 -16.01
CA ASP A 662 4.12 -18.70 -17.07
C ASP A 662 5.45 -19.06 -17.74
N SER A 663 6.53 -18.32 -17.46
CA SER A 663 7.82 -18.64 -18.02
C SER A 663 8.56 -19.71 -17.24
N ILE A 664 8.17 -19.97 -16.00
CA ILE A 664 8.89 -20.91 -15.12
C ILE A 664 8.48 -22.33 -15.50
N LYS A 665 9.43 -23.10 -16.04
CA LYS A 665 9.19 -24.45 -16.49
C LYS A 665 9.83 -25.46 -15.55
N ALA A 666 9.31 -26.68 -15.60
CA ALA A 666 9.84 -27.81 -14.82
C ALA A 666 10.13 -28.97 -15.79
N GLU A 667 11.40 -29.09 -16.19
CA GLU A 667 11.93 -30.17 -17.05
C GLU A 667 10.92 -30.72 -18.05
N ARG A 668 10.38 -29.84 -18.91
CA ARG A 668 9.44 -30.24 -19.94
C ARG A 668 9.19 -29.11 -20.93
N THR A 681 18.61 -23.33 -26.65
CA THR A 681 18.55 -22.57 -25.42
C THR A 681 17.03 -22.38 -25.13
N CYS A 682 16.47 -21.19 -25.33
CA CYS A 682 15.24 -20.69 -24.71
C CYS A 682 15.14 -20.98 -23.23
N ALA A 683 16.25 -21.37 -22.58
CA ALA A 683 16.23 -21.82 -21.19
C ALA A 683 17.28 -21.07 -20.40
N ARG A 684 16.83 -20.20 -19.50
CA ARG A 684 17.70 -19.43 -18.61
C ARG A 684 17.47 -19.98 -17.21
N LYS A 685 18.33 -20.90 -16.77
CA LYS A 685 18.21 -21.46 -15.44
C LYS A 685 18.72 -20.46 -14.41
N LEU A 686 17.89 -20.11 -13.43
CA LEU A 686 18.27 -19.16 -12.39
C LEU A 686 17.92 -19.70 -11.00
N LYS A 687 18.69 -19.29 -10.02
CA LYS A 687 18.61 -19.90 -8.69
C LYS A 687 17.80 -19.00 -7.75
N TRP A 688 17.18 -19.65 -6.75
CA TRP A 688 16.50 -18.94 -5.68
C TRP A 688 16.74 -19.74 -4.39
N ALA A 689 16.48 -19.10 -3.25
CA ALA A 689 16.76 -19.67 -1.93
C ALA A 689 15.44 -20.00 -1.23
N TRP A 690 15.11 -21.28 -1.14
CA TRP A 690 13.87 -21.71 -0.50
C TRP A 690 14.09 -21.86 1.01
N ARG A 691 13.18 -21.28 1.80
CA ARG A 691 13.19 -21.42 3.25
C ARG A 691 11.89 -22.03 3.71
N GLY A 692 11.98 -23.13 4.45
CA GLY A 692 10.82 -23.78 5.04
C GLY A 692 10.91 -23.68 6.55
N GLU A 693 9.74 -23.64 7.20
CA GLU A 693 9.62 -23.57 8.66
C GLU A 693 8.70 -24.71 9.08
N PHE A 694 9.30 -25.87 9.32
CA PHE A 694 8.58 -27.10 9.61
C PHE A 694 8.64 -27.43 11.09
N PHE A 695 7.75 -28.32 11.51
CA PHE A 695 7.72 -28.73 12.90
C PHE A 695 8.79 -29.78 13.17
N PRO A 696 9.41 -29.78 14.35
CA PRO A 696 10.45 -30.78 14.65
C PRO A 696 9.93 -32.20 14.74
N SER A 697 8.62 -32.39 14.87
CA SER A 697 8.04 -33.70 15.07
C SER A 697 8.24 -34.58 13.83
N LYS A 698 8.24 -35.89 14.07
CA LYS A 698 8.24 -36.89 13.01
C LYS A 698 6.80 -37.10 12.51
N MET A 699 6.68 -37.91 11.44
CA MET A 699 5.36 -38.13 10.87
C MET A 699 4.57 -39.19 11.64
N ASP A 700 5.25 -40.18 12.24
CA ASP A 700 4.56 -41.08 13.16
C ASP A 700 3.84 -40.27 14.24
N GLU A 701 4.50 -39.23 14.75
CA GLU A 701 3.88 -38.36 15.74
C GLU A 701 2.77 -37.51 15.14
N TYR A 702 2.84 -37.20 13.84
CA TYR A 702 1.78 -36.43 13.19
C TYR A 702 0.48 -37.24 13.14
N ASN A 703 0.56 -38.51 12.77
CA ASN A 703 -0.63 -39.34 12.76
C ASN A 703 -1.11 -39.67 14.16
N MET A 704 -0.19 -39.71 15.14
CA MET A 704 -0.59 -39.94 16.52
C MET A 704 -1.52 -38.84 17.01
N ILE A 705 -1.17 -37.58 16.75
CA ILE A 705 -1.99 -36.48 17.22
C ILE A 705 -3.27 -36.33 16.40
N LYS A 706 -3.24 -36.67 15.10
CA LYS A 706 -4.46 -36.66 14.31
C LYS A 706 -5.45 -37.69 14.84
N ARG A 707 -4.98 -38.89 15.16
CA ARG A 707 -5.85 -39.88 15.80
C ARG A 707 -6.37 -39.37 17.13
N ALA A 708 -5.54 -38.64 17.88
CA ALA A 708 -6.01 -38.06 19.14
C ALA A 708 -7.16 -37.09 18.89
N LEU A 709 -7.06 -36.28 17.85
CA LEU A 709 -8.10 -35.29 17.56
C LEU A 709 -9.35 -35.92 16.96
N GLN A 710 -9.19 -36.97 16.15
CA GLN A 710 -10.35 -37.60 15.52
C GLN A 710 -11.29 -38.19 16.57
N ASN A 711 -10.74 -38.82 17.61
CA ASN A 711 -11.55 -39.44 18.65
C ASN A 711 -12.33 -38.41 19.49
N GLU A 712 -11.97 -37.13 19.40
CA GLU A 712 -12.56 -36.07 20.20
C GLU A 712 -13.55 -35.25 19.36
N THR A 713 -14.56 -34.70 20.03
CA THR A 713 -15.72 -34.06 19.38
C THR A 713 -15.54 -32.54 19.31
N PHE A 714 -16.04 -31.95 18.21
CA PHE A 714 -15.89 -30.56 17.84
C PHE A 714 -17.25 -29.87 17.74
N PRO A 715 -17.31 -28.56 17.99
CA PRO A 715 -18.59 -27.85 17.95
C PRO A 715 -18.88 -27.28 16.56
N ASN A 716 -20.11 -26.81 16.39
CA ASN A 716 -20.56 -26.26 15.12
C ASN A 716 -20.27 -24.77 15.00
N LYS A 722 -29.23 -27.41 15.15
CA LYS A 722 -29.42 -28.43 16.17
C LYS A 722 -28.29 -29.46 16.15
N LYS A 723 -27.38 -29.31 15.18
CA LYS A 723 -26.20 -30.17 15.07
C LYS A 723 -24.99 -29.34 15.50
N LYS A 724 -24.76 -29.27 16.82
CA LYS A 724 -23.55 -28.67 17.37
C LYS A 724 -22.58 -29.76 17.83
N VAL A 725 -22.61 -30.90 17.13
CA VAL A 725 -21.73 -32.02 17.37
C VAL A 725 -21.09 -32.38 16.03
N LEU A 726 -19.77 -32.27 15.97
CA LEU A 726 -19.08 -32.39 14.70
C LEU A 726 -17.89 -33.33 14.83
N THR A 727 -17.91 -34.41 14.03
CA THR A 727 -16.75 -35.24 13.76
C THR A 727 -15.53 -34.38 13.42
N PHE A 728 -14.33 -34.89 13.71
CA PHE A 728 -13.13 -34.24 13.18
C PHE A 728 -13.11 -34.35 11.65
N ASP A 729 -13.32 -35.56 11.13
CA ASP A 729 -13.45 -35.76 9.68
C ASP A 729 -14.54 -34.88 9.07
N GLU A 730 -15.60 -34.56 9.82
CA GLU A 730 -16.73 -33.79 9.29
C GLU A 730 -16.35 -32.35 8.95
N LEU A 731 -15.25 -31.85 9.49
CA LEU A 731 -14.83 -30.47 9.30
C LEU A 731 -13.95 -30.36 8.05
N SER A 732 -13.92 -29.15 7.50
CA SER A 732 -13.18 -28.90 6.26
C SER A 732 -11.70 -29.21 6.44
N TYR A 733 -11.08 -29.74 5.37
CA TYR A 733 -9.68 -30.14 5.40
C TYR A 733 -8.77 -29.04 5.94
N ALA A 734 -9.13 -27.77 5.70
CA ALA A 734 -8.32 -26.67 6.20
C ALA A 734 -8.44 -26.54 7.72
N ASP A 735 -9.65 -26.35 8.22
CA ASP A 735 -9.84 -26.18 9.66
C ASP A 735 -9.23 -27.32 10.45
N GLN A 736 -9.26 -28.54 9.90
CA GLN A 736 -8.53 -29.65 10.49
C GLN A 736 -7.06 -29.29 10.68
N VAL A 737 -6.45 -28.74 9.63
CA VAL A 737 -5.04 -28.37 9.68
C VAL A 737 -4.77 -27.42 10.84
N ILE A 738 -5.65 -26.43 11.04
CA ILE A 738 -5.48 -25.49 12.14
C ILE A 738 -5.44 -26.22 13.48
N HIS A 739 -6.30 -27.22 13.64
CA HIS A 739 -6.30 -28.00 14.86
C HIS A 739 -5.07 -28.89 14.96
N ILE A 740 -4.71 -29.57 13.87
CA ILE A 740 -3.50 -30.37 13.85
C ILE A 740 -2.28 -29.50 14.14
N LYS A 741 -2.21 -28.33 13.49
CA LYS A 741 -1.03 -27.48 13.63
C LYS A 741 -0.89 -26.94 15.05
N LYS A 742 -2.00 -26.52 15.67
CA LYS A 742 -1.92 -25.98 17.01
C LYS A 742 -1.71 -27.06 18.07
N ARG A 743 -2.21 -28.27 17.82
CA ARG A 743 -1.86 -29.38 18.69
C ARG A 743 -0.41 -29.82 18.45
N LEU A 744 0.07 -29.68 17.21
CA LEU A 744 1.45 -30.04 16.90
C LEU A 744 2.44 -29.01 17.45
N THR A 745 2.00 -27.76 17.66
CA THR A 745 2.85 -26.79 18.33
C THR A 745 3.02 -27.13 19.80
N GLU A 746 1.98 -27.68 20.44
CA GLU A 746 2.10 -28.10 21.83
C GLU A 746 3.08 -29.24 21.98
N TYR A 747 2.91 -30.32 21.20
CA TYR A 747 3.81 -31.47 21.31
C TYR A 747 5.24 -31.09 20.95
N SER A 748 5.42 -30.17 20.00
CA SER A 748 6.76 -29.74 19.64
C SER A 748 7.36 -28.86 20.72
N ARG A 749 6.55 -27.96 21.30
CA ARG A 749 6.98 -27.12 22.41
C ARG A 749 7.04 -27.88 23.73
N LYS A 750 6.88 -29.20 23.71
CA LYS A 750 6.94 -30.01 24.92
C LYS A 750 7.69 -31.32 24.74
N VAL A 751 8.07 -31.72 23.53
CA VAL A 751 8.93 -32.87 23.32
C VAL A 751 10.24 -32.51 22.61
N TYR A 752 10.30 -31.37 21.91
CA TYR A 752 11.45 -31.02 21.11
C TYR A 752 12.03 -29.65 21.47
N HIS A 753 11.44 -28.94 22.43
CA HIS A 753 11.90 -27.64 22.92
C HIS A 753 11.87 -26.54 21.86
N ARG A 754 11.25 -26.80 20.71
CA ARG A 754 11.14 -25.85 19.62
C ARG A 754 9.79 -26.02 18.95
N VAL A 755 9.29 -24.96 18.31
CA VAL A 755 8.03 -25.08 17.58
C VAL A 755 8.30 -25.23 16.08
N LYS A 756 9.41 -24.66 15.60
CA LYS A 756 9.77 -24.72 14.19
C LYS A 756 11.27 -24.84 14.01
N VAL A 757 11.68 -25.77 13.17
CA VAL A 757 13.02 -25.81 12.60
C VAL A 757 12.93 -25.23 11.21
N SER A 758 13.88 -24.37 10.84
CA SER A 758 13.85 -23.74 9.54
C SER A 758 15.16 -24.01 8.80
N GLU A 759 15.07 -24.14 7.47
CA GLU A 759 16.17 -24.59 6.63
C GLU A 759 16.17 -23.85 5.30
N ILE A 760 17.34 -23.39 4.87
CA ILE A 760 17.52 -22.78 3.56
C ILE A 760 17.95 -23.85 2.58
N VAL A 761 17.30 -23.90 1.43
CA VAL A 761 17.65 -24.81 0.34
C VAL A 761 17.85 -23.99 -0.93
N GLU A 762 19.03 -24.08 -1.52
CA GLU A 762 19.27 -23.41 -2.78
C GLU A 762 18.62 -24.21 -3.91
N ARG A 763 17.71 -23.58 -4.65
CA ARG A 763 17.02 -24.24 -5.73
C ARG A 763 17.18 -23.43 -7.01
N GLU A 764 17.11 -24.13 -8.14
CA GLU A 764 17.24 -23.53 -9.45
C GLU A 764 15.93 -23.77 -10.21
N ALA A 765 15.61 -22.84 -11.11
CA ALA A 765 14.45 -22.97 -11.97
C ALA A 765 14.80 -22.52 -13.37
N ILE A 766 14.13 -23.11 -14.36
CA ILE A 766 14.34 -22.73 -15.75
C ILE A 766 13.26 -21.74 -16.17
N VAL A 767 13.68 -20.64 -16.78
CA VAL A 767 12.79 -19.58 -17.22
C VAL A 767 12.82 -19.56 -18.75
N CYS A 768 11.69 -19.92 -19.38
CA CYS A 768 11.63 -19.95 -20.84
C CYS A 768 11.71 -18.54 -21.40
N GLN A 769 12.68 -18.29 -22.27
CA GLN A 769 12.87 -16.97 -22.83
C GLN A 769 12.06 -16.72 -24.09
N ARG A 770 11.24 -17.69 -24.51
CA ARG A 770 10.42 -17.56 -25.70
C ARG A 770 8.94 -17.48 -25.38
N GLU A 771 8.56 -17.62 -24.11
CA GLU A 771 7.15 -17.64 -23.72
C GLU A 771 6.48 -16.30 -23.97
N ASN A 772 5.18 -16.35 -24.28
CA ASN A 772 4.32 -15.18 -24.42
C ASN A 772 4.59 -14.20 -23.28
N PRO A 773 5.19 -13.06 -23.58
CA PRO A 773 5.62 -12.15 -22.51
C PRO A 773 4.54 -11.16 -22.12
N PHE A 774 3.28 -11.59 -22.08
CA PHE A 774 2.21 -10.64 -21.79
C PHE A 774 2.30 -10.12 -20.36
N TYR A 775 2.76 -10.94 -19.41
CA TYR A 775 2.93 -10.47 -18.04
C TYR A 775 4.09 -9.50 -17.94
N VAL A 776 5.25 -9.89 -18.46
CA VAL A 776 6.45 -9.05 -18.42
C VAL A 776 6.17 -7.71 -19.08
N ASP A 777 5.45 -7.73 -20.21
CA ASP A 777 5.15 -6.50 -20.95
C ASP A 777 4.21 -5.59 -20.17
N THR A 778 3.31 -6.18 -19.38
CA THR A 778 2.45 -5.35 -18.53
C THR A 778 3.25 -4.64 -17.44
N VAL A 779 4.24 -5.33 -16.87
CA VAL A 779 5.09 -4.68 -15.86
C VAL A 779 5.98 -3.65 -16.53
N LYS A 780 6.46 -3.95 -17.74
CA LYS A 780 7.26 -2.98 -18.48
C LYS A 780 6.46 -1.72 -18.76
N SER A 781 5.19 -1.88 -19.12
CA SER A 781 4.41 -0.71 -19.46
C SER A 781 4.14 0.14 -18.22
N PHE A 782 3.84 -0.50 -17.08
CA PHE A 782 3.58 0.25 -15.86
C PHE A 782 4.86 0.88 -15.29
N ARG A 783 5.99 0.18 -15.37
CA ARG A 783 7.28 0.80 -15.06
C ARG A 783 7.47 2.10 -15.86
N ASP A 784 7.29 2.01 -17.19
CA ASP A 784 7.48 3.19 -18.05
C ASP A 784 6.52 4.32 -17.67
N ARG A 785 5.30 3.97 -17.28
CA ARG A 785 4.34 4.99 -16.82
C ARG A 785 4.81 5.67 -15.53
N ARG A 786 5.36 4.92 -14.57
CA ARG A 786 5.85 5.55 -13.34
C ARG A 786 7.12 6.35 -13.59
N TYR A 787 8.01 5.85 -14.45
CA TYR A 787 9.26 6.56 -14.74
C TYR A 787 9.01 7.98 -15.27
N GLU A 788 7.96 8.17 -16.05
CA GLU A 788 7.72 9.48 -16.63
C GLU A 788 7.41 10.52 -15.55
N PHE A 789 6.66 10.14 -14.55
CA PHE A 789 6.36 11.08 -13.48
C PHE A 789 7.61 11.36 -12.65
N LYS A 790 8.46 10.35 -12.46
CA LYS A 790 9.71 10.56 -11.76
C LYS A 790 10.65 11.45 -12.55
N GLY A 791 10.66 11.30 -13.87
CA GLY A 791 11.51 12.15 -14.68
C GLY A 791 11.02 13.59 -14.71
N LEU A 792 9.70 13.78 -14.72
CA LEU A 792 9.18 15.13 -14.68
C LEU A 792 9.44 15.77 -13.33
N ALA A 793 9.43 14.97 -12.26
CA ALA A 793 9.80 15.47 -10.94
C ALA A 793 11.22 16.02 -10.95
N LYS A 794 12.16 15.22 -11.44
CA LYS A 794 13.54 15.68 -11.51
C LYS A 794 13.70 16.86 -12.46
N THR A 795 12.92 16.90 -13.54
CA THR A 795 13.00 18.01 -14.47
C THR A 795 12.68 19.35 -13.78
N TRP A 796 11.64 19.36 -12.95
CA TRP A 796 11.34 20.56 -12.17
C TRP A 796 12.36 20.78 -11.07
N LYS A 797 12.93 19.70 -10.51
CA LYS A 797 14.03 19.86 -9.56
C LYS A 797 15.24 20.48 -10.24
N GLY A 798 15.55 20.04 -11.45
CA GLY A 798 16.60 20.62 -12.28
C GLY A 798 16.27 21.99 -12.82
N ASN A 799 15.00 22.38 -12.78
CA ASN A 799 14.59 23.74 -13.11
C ASN A 799 14.52 24.65 -11.90
N LEU A 800 14.78 24.13 -10.70
CA LEU A 800 14.72 24.91 -9.47
C LEU A 800 15.95 25.79 -9.36
N SER A 801 15.91 26.91 -10.08
CA SER A 801 16.86 28.01 -9.92
C SER A 801 16.21 29.32 -10.31
N LYS A 802 14.88 29.40 -10.16
CA LYS A 802 14.06 30.48 -10.67
C LYS A 802 14.33 30.72 -12.16
N HIS A 809 6.88 33.92 -8.05
CA HIS A 809 7.03 32.98 -6.94
C HIS A 809 7.54 31.63 -7.45
N ALA A 810 8.77 31.62 -7.97
CA ALA A 810 9.34 30.41 -8.56
C ALA A 810 9.74 29.41 -7.48
N ARG A 811 10.35 29.87 -6.39
CA ARG A 811 10.75 28.96 -5.31
C ARG A 811 9.57 28.42 -4.51
N ASP A 812 8.37 28.96 -4.71
CA ASP A 812 7.16 28.44 -4.09
C ASP A 812 6.23 27.74 -5.08
N GLU A 813 6.47 27.86 -6.39
CA GLU A 813 5.69 27.17 -7.40
C GLU A 813 6.42 26.00 -8.05
N ALA A 814 7.75 26.07 -8.19
CA ALA A 814 8.51 24.92 -8.65
C ALA A 814 8.53 23.83 -7.59
N LYS A 815 8.81 24.21 -6.34
CA LYS A 815 8.75 23.24 -5.25
C LYS A 815 7.33 22.76 -5.00
N LYS A 816 6.32 23.49 -5.49
CA LYS A 816 4.94 23.04 -5.34
C LYS A 816 4.71 21.72 -6.04
N MET A 817 5.20 21.61 -7.27
CA MET A 817 5.01 20.41 -8.08
C MET A 817 6.02 19.31 -7.81
N ILE A 818 7.14 19.65 -7.20
CA ILE A 818 8.07 18.60 -6.90
C ILE A 818 7.20 17.57 -6.22
N VAL A 819 6.34 18.02 -5.30
CA VAL A 819 5.44 17.12 -4.57
C VAL A 819 4.38 16.51 -5.44
N LEU A 820 3.76 17.24 -6.35
CA LEU A 820 2.73 16.68 -7.23
C LEU A 820 3.23 15.46 -7.96
N TYR A 821 4.28 15.68 -8.73
CA TYR A 821 4.92 14.64 -9.51
C TYR A 821 5.54 13.55 -8.64
N ASP A 822 6.07 13.88 -7.47
CA ASP A 822 6.62 12.84 -6.62
C ASP A 822 5.52 11.97 -6.04
N SER A 823 4.37 12.56 -5.78
CA SER A 823 3.22 11.86 -5.25
C SER A 823 2.71 10.92 -6.28
N LEU A 824 2.70 11.41 -7.51
CA LEU A 824 2.23 10.61 -8.61
C LEU A 824 3.17 9.46 -8.94
N GLN A 825 4.45 9.64 -8.67
CA GLN A 825 5.42 8.60 -8.89
C GLN A 825 5.43 7.63 -7.72
N LEU A 826 5.05 8.11 -6.56
CA LEU A 826 5.01 7.31 -5.38
C LEU A 826 3.71 6.57 -5.34
N ALA A 827 2.69 7.17 -5.92
CA ALA A 827 1.42 6.45 -5.99
C ALA A 827 1.53 5.21 -6.89
N HIS A 828 2.27 5.33 -8.00
CA HIS A 828 2.48 4.17 -8.86
C HIS A 828 3.54 3.22 -8.33
N LYS A 829 4.37 3.66 -7.38
CA LYS A 829 5.43 2.81 -6.86
C LYS A 829 4.86 1.55 -6.20
N VAL A 830 3.80 1.71 -5.39
CA VAL A 830 3.23 0.56 -4.70
C VAL A 830 2.49 -0.36 -5.68
N ILE A 831 1.78 0.21 -6.66
CA ILE A 831 1.13 -0.62 -7.67
C ILE A 831 2.17 -1.29 -8.56
N LEU A 832 3.24 -0.58 -8.92
CA LEU A 832 4.30 -1.19 -9.73
C LEU A 832 4.91 -2.39 -9.03
N ASN A 833 5.35 -2.20 -7.77
CA ASN A 833 6.00 -3.29 -7.05
C ASN A 833 5.03 -4.39 -6.66
N SER A 834 3.72 -4.13 -6.67
CA SER A 834 2.77 -5.21 -6.45
C SER A 834 2.71 -6.20 -7.59
N PHE A 835 3.27 -5.85 -8.76
CA PHE A 835 3.40 -6.82 -9.84
C PHE A 835 4.38 -7.94 -9.46
N TYR A 836 5.34 -7.62 -8.57
CA TYR A 836 6.23 -8.65 -8.02
C TYR A 836 5.51 -9.47 -6.96
N GLY A 837 4.94 -8.80 -5.95
CA GLY A 837 4.24 -9.49 -4.88
C GLY A 837 3.04 -10.29 -5.34
N TYR A 838 2.43 -9.89 -6.47
CA TYR A 838 1.19 -10.51 -6.94
C TYR A 838 1.35 -12.01 -7.15
N VAL A 839 2.54 -12.47 -7.55
CA VAL A 839 2.76 -13.86 -7.92
C VAL A 839 2.85 -14.74 -6.68
N MET A 840 2.78 -14.12 -5.49
CA MET A 840 2.77 -14.85 -4.23
C MET A 840 1.45 -14.71 -3.48
N ARG A 841 0.54 -13.90 -4.00
CA ARG A 841 -0.67 -13.54 -3.28
C ARG A 841 -1.72 -14.64 -3.33
N LYS A 842 -2.46 -14.80 -2.24
CA LYS A 842 -3.54 -15.76 -2.18
C LYS A 842 -4.58 -15.42 -3.24
N GLY A 843 -5.11 -16.44 -3.91
CA GLY A 843 -6.09 -16.21 -4.95
C GLY A 843 -5.54 -15.61 -6.23
N SER A 844 -4.22 -15.56 -6.38
CA SER A 844 -3.62 -15.07 -7.61
C SER A 844 -3.97 -16.00 -8.77
N ARG A 845 -4.01 -15.45 -9.98
CA ARG A 845 -4.16 -16.27 -11.18
C ARG A 845 -2.82 -16.65 -11.78
N TRP A 846 -1.74 -15.97 -11.40
CA TRP A 846 -0.38 -16.24 -11.87
C TRP A 846 0.52 -16.37 -10.64
N TYR A 847 0.33 -17.45 -9.88
CA TYR A 847 1.11 -17.72 -8.67
C TYR A 847 2.42 -18.40 -9.03
N SER A 848 3.52 -17.90 -8.46
CA SER A 848 4.83 -18.53 -8.68
C SER A 848 5.75 -18.09 -7.54
N MET A 849 5.99 -19.01 -6.59
CA MET A 849 7.02 -18.75 -5.59
C MET A 849 8.40 -18.70 -6.22
N GLU A 850 8.67 -19.62 -7.16
CA GLU A 850 9.93 -19.61 -7.91
C GLU A 850 10.23 -18.24 -8.50
N MET A 851 9.23 -17.60 -9.10
CA MET A 851 9.48 -16.31 -9.73
C MET A 851 9.86 -15.28 -8.69
N ALA A 852 9.11 -15.21 -7.59
CA ALA A 852 9.35 -14.20 -6.56
C ALA A 852 10.70 -14.42 -5.88
N GLY A 853 11.07 -15.69 -5.65
CA GLY A 853 12.38 -15.99 -5.07
C GLY A 853 13.53 -15.64 -6.00
N ILE A 854 13.38 -15.90 -7.30
CA ILE A 854 14.46 -15.63 -8.25
C ILE A 854 14.76 -14.14 -8.29
N THR A 855 13.71 -13.31 -8.25
CA THR A 855 13.90 -11.87 -8.26
C THR A 855 14.69 -11.42 -7.03
N CYS A 856 14.31 -11.93 -5.86
CA CYS A 856 14.96 -11.54 -4.62
C CYS A 856 16.42 -11.98 -4.60
N LEU A 857 16.69 -13.22 -5.00
CA LEU A 857 18.07 -13.69 -4.97
C LEU A 857 18.93 -12.94 -5.96
N THR A 858 18.40 -12.66 -7.17
CA THR A 858 19.15 -11.83 -8.11
C THR A 858 19.46 -10.48 -7.51
N GLY A 859 18.50 -9.88 -6.79
CA GLY A 859 18.71 -8.58 -6.20
C GLY A 859 19.72 -8.58 -5.07
N ALA A 860 19.82 -9.69 -4.35
CA ALA A 860 20.84 -9.79 -3.30
C ALA A 860 22.22 -9.97 -3.92
N THR A 861 22.33 -10.79 -4.97
CA THR A 861 23.61 -10.94 -5.69
C THR A 861 24.09 -9.61 -6.24
N ILE A 862 23.18 -8.76 -6.71
CA ILE A 862 23.59 -7.48 -7.29
C ILE A 862 24.06 -6.52 -6.21
N ILE A 863 23.29 -6.39 -5.13
CA ILE A 863 23.62 -5.43 -4.07
C ILE A 863 24.91 -5.83 -3.36
N GLN A 864 25.18 -7.13 -3.24
CA GLN A 864 26.40 -7.56 -2.56
C GLN A 864 27.61 -7.48 -3.48
N MET A 865 27.40 -7.62 -4.79
CA MET A 865 28.46 -7.30 -5.73
C MET A 865 28.87 -5.84 -5.63
N ALA A 866 27.89 -4.94 -5.52
CA ALA A 866 28.21 -3.52 -5.43
C ALA A 866 28.94 -3.19 -4.13
N ARG A 867 28.56 -3.82 -3.01
CA ARG A 867 29.24 -3.54 -1.76
C ARG A 867 30.66 -4.11 -1.78
N ALA A 868 30.83 -5.30 -2.36
CA ALA A 868 32.14 -5.92 -2.49
C ALA A 868 33.14 -4.98 -3.13
N LEU A 869 32.69 -4.07 -3.98
CA LEU A 869 33.57 -3.10 -4.61
C LEU A 869 33.65 -1.80 -3.83
N VAL A 870 32.58 -1.38 -3.15
CA VAL A 870 32.61 -0.13 -2.40
C VAL A 870 33.48 -0.28 -1.15
N GLU A 871 33.46 -1.47 -0.54
CA GLU A 871 34.40 -1.83 0.52
C GLU A 871 35.82 -1.46 0.14
N ARG A 872 36.19 -1.80 -1.09
CA ARG A 872 37.56 -1.71 -1.56
C ARG A 872 38.00 -0.29 -1.90
N VAL A 873 37.06 0.66 -2.09
CA VAL A 873 37.42 2.02 -2.44
C VAL A 873 36.78 3.05 -1.51
N GLY A 874 35.97 2.62 -0.56
CA GLY A 874 35.39 3.50 0.42
C GLY A 874 34.87 2.69 1.57
N ARG A 875 33.97 3.31 2.34
CA ARG A 875 33.40 2.65 3.51
C ARG A 875 31.89 2.60 3.41
N PRO A 876 31.30 1.45 3.05
CA PRO A 876 29.84 1.34 3.03
C PRO A 876 29.29 1.36 4.45
N LEU A 877 28.29 2.21 4.68
CA LEU A 877 27.74 2.42 6.02
C LEU A 877 26.52 1.55 6.30
N GLU A 878 25.56 1.53 5.37
CA GLU A 878 24.32 0.79 5.55
C GLU A 878 23.77 0.39 4.18
N LEU A 879 23.29 -0.85 4.10
CA LEU A 879 22.86 -1.46 2.85
C LEU A 879 21.53 -2.15 3.05
N ASP A 880 20.61 -2.00 2.09
CA ASP A 880 19.26 -2.53 2.24
C ASP A 880 18.68 -2.83 0.86
N THR A 881 18.66 -4.12 0.51
CA THR A 881 18.00 -4.65 -0.69
C THR A 881 18.62 -4.16 -1.99
N ASP A 882 18.49 -2.86 -2.25
CA ASP A 882 18.95 -2.23 -3.49
C ASP A 882 19.70 -0.94 -3.25
N GLY A 883 20.03 -0.63 -2.01
CA GLY A 883 20.61 0.66 -1.67
C GLY A 883 21.79 0.52 -0.74
N ILE A 884 22.82 1.33 -1.00
CA ILE A 884 24.04 1.40 -0.21
C ILE A 884 24.26 2.85 0.12
N TRP A 885 24.30 3.18 1.41
CA TRP A 885 24.88 4.43 1.89
C TRP A 885 26.36 4.22 2.09
N CYS A 886 27.14 5.29 1.87
CA CYS A 886 28.59 5.14 1.95
C CYS A 886 29.24 6.51 2.05
N ILE A 887 30.49 6.50 2.52
CA ILE A 887 31.39 7.63 2.41
C ILE A 887 32.48 7.24 1.44
N LEU A 888 32.77 8.13 0.51
CA LEU A 888 33.92 7.93 -0.34
C LEU A 888 34.98 8.96 -0.01
N PRO A 889 36.26 8.66 -0.22
CA PRO A 889 37.30 9.69 -0.08
C PRO A 889 36.94 10.90 -0.93
N LYS A 890 37.10 12.10 -0.34
CA LYS A 890 37.00 13.33 -1.11
C LYS A 890 37.85 13.25 -2.38
N SER A 891 38.98 12.52 -2.31
CA SER A 891 39.84 12.27 -3.46
C SER A 891 39.16 11.41 -4.54
N PHE A 892 38.05 10.76 -4.23
CA PHE A 892 37.48 9.86 -5.24
C PHE A 892 36.80 10.67 -6.36
N PRO A 893 37.03 10.27 -7.60
CA PRO A 893 36.42 10.97 -8.75
C PRO A 893 34.90 10.92 -8.72
N GLU A 894 34.26 12.07 -8.85
CA GLU A 894 32.82 12.05 -8.74
C GLU A 894 32.10 12.41 -10.04
N THR A 895 31.95 13.70 -10.33
CA THR A 895 31.02 14.21 -11.33
C THR A 895 31.77 14.92 -12.46
N TYR A 896 31.47 14.54 -13.69
CA TYR A 896 32.03 15.19 -14.87
C TYR A 896 30.97 15.30 -15.93
N PHE A 897 31.13 16.28 -16.80
CA PHE A 897 30.16 16.61 -17.83
C PHE A 897 30.80 16.40 -19.19
N PHE A 898 30.32 15.40 -19.92
CA PHE A 898 30.66 15.27 -21.32
C PHE A 898 30.10 16.46 -22.10
N THR A 899 30.75 16.80 -23.21
CA THR A 899 30.30 17.90 -24.08
C THR A 899 30.13 17.38 -25.51
N LEU A 900 28.94 17.59 -26.07
CA LEU A 900 28.62 17.13 -27.41
C LEU A 900 28.84 18.24 -28.43
N GLU A 901 29.12 17.84 -29.68
CA GLU A 901 29.24 18.81 -30.78
C GLU A 901 28.01 19.71 -30.86
N ASN A 902 26.85 19.20 -30.43
CA ASN A 902 25.67 20.04 -30.29
C ASN A 902 25.87 21.19 -29.32
N GLY A 903 26.84 21.07 -28.41
CA GLY A 903 26.95 21.97 -27.29
C GLY A 903 26.26 21.49 -26.03
N LYS A 904 25.57 20.35 -26.10
CA LYS A 904 24.87 19.82 -24.95
C LYS A 904 25.81 19.02 -24.07
N LYS A 905 25.47 18.93 -22.79
CA LYS A 905 26.26 18.22 -21.80
C LYS A 905 25.51 16.99 -21.31
N LEU A 906 26.27 15.94 -20.99
CA LEU A 906 25.74 14.71 -20.44
C LEU A 906 26.34 14.46 -19.06
N TYR A 907 25.47 14.20 -18.08
CA TYR A 907 25.90 14.02 -16.70
C TYR A 907 26.57 12.68 -16.49
N LEU A 908 27.69 12.68 -15.76
CA LEU A 908 28.42 11.46 -15.44
C LEU A 908 28.77 11.46 -13.96
N SER A 909 28.33 10.44 -13.25
CA SER A 909 28.76 10.16 -11.88
C SER A 909 29.60 8.89 -11.93
N TYR A 910 30.92 9.05 -11.91
CA TYR A 910 31.80 7.89 -11.97
C TYR A 910 31.53 6.88 -10.86
N PRO A 911 31.22 7.28 -9.61
CA PRO A 911 30.81 6.24 -8.63
C PRO A 911 29.62 5.44 -9.12
N CYS A 912 28.68 6.08 -9.81
CA CYS A 912 27.50 5.38 -10.28
C CYS A 912 27.80 4.54 -11.51
N SER A 913 28.42 5.15 -12.52
CA SER A 913 28.67 4.46 -13.79
C SER A 913 29.70 3.35 -13.65
N MET A 914 30.57 3.40 -12.64
CA MET A 914 31.51 2.31 -12.42
C MET A 914 30.79 1.06 -11.92
N LEU A 915 29.67 1.22 -11.22
CA LEU A 915 28.88 0.08 -10.78
C LEU A 915 27.95 -0.41 -11.87
N ASN A 916 27.26 0.52 -12.54
CA ASN A 916 26.37 0.17 -13.64
C ASN A 916 27.10 -0.65 -14.70
N TYR A 917 28.32 -0.24 -15.07
CA TYR A 917 29.09 -1.02 -16.05
C TYR A 917 29.37 -2.43 -15.53
N ARG A 918 29.69 -2.57 -14.24
CA ARG A 918 29.86 -3.91 -13.69
C ARG A 918 28.55 -4.68 -13.72
N VAL A 919 27.44 -4.01 -13.44
CA VAL A 919 26.14 -4.69 -13.41
C VAL A 919 25.79 -5.23 -14.79
N HIS A 920 26.07 -4.46 -15.84
CA HIS A 920 25.77 -4.92 -17.20
C HIS A 920 26.80 -5.91 -17.71
N GLN A 921 28.04 -5.84 -17.22
CA GLN A 921 28.97 -6.95 -17.42
C GLN A 921 28.39 -8.23 -16.85
N LYS A 922 27.97 -8.21 -15.58
CA LYS A 922 27.71 -9.44 -14.84
C LYS A 922 26.26 -9.89 -14.83
N PHE A 923 25.29 -9.03 -15.16
CA PHE A 923 23.88 -9.38 -14.91
C PHE A 923 23.00 -9.20 -16.14
N THR A 924 23.58 -9.08 -17.33
CA THR A 924 22.81 -8.87 -18.55
C THR A 924 22.27 -10.19 -19.07
N ASN A 925 21.02 -10.16 -19.54
CA ASN A 925 20.36 -11.33 -20.09
C ASN A 925 20.69 -11.40 -21.58
N HIS A 926 21.60 -12.29 -21.95
CA HIS A 926 21.96 -12.51 -23.35
C HIS A 926 21.13 -13.61 -24.00
N GLN A 927 20.06 -14.07 -23.34
CA GLN A 927 19.18 -15.09 -23.89
C GLN A 927 17.77 -14.58 -24.17
N TYR A 928 17.57 -13.26 -24.17
CA TYR A 928 16.22 -12.72 -24.32
C TYR A 928 15.71 -12.93 -25.74
N GLN A 929 14.73 -13.80 -25.89
CA GLN A 929 14.14 -14.09 -27.19
C GLN A 929 12.80 -13.38 -27.34
N GLU A 930 12.57 -12.82 -28.52
CA GLU A 930 11.36 -12.08 -28.84
C GLU A 930 10.96 -12.36 -30.28
N LEU A 931 9.69 -12.63 -30.49
CA LEU A 931 9.20 -12.89 -31.82
C LEU A 931 9.26 -11.64 -32.67
N LYS A 932 9.94 -11.76 -33.80
CA LYS A 932 10.11 -10.68 -34.75
C LYS A 932 9.06 -10.75 -35.81
N ASP A 933 8.82 -11.95 -36.29
CA ASP A 933 7.80 -12.17 -37.30
C ASP A 933 6.81 -13.16 -36.72
N PRO A 934 5.67 -12.68 -36.19
CA PRO A 934 4.68 -13.64 -35.65
C PRO A 934 4.09 -14.54 -36.70
N LEU A 935 3.97 -14.08 -37.94
CA LEU A 935 3.29 -14.85 -38.99
C LEU A 935 4.03 -16.14 -39.31
N ASN A 936 5.33 -16.20 -39.09
CA ASN A 936 6.08 -17.42 -39.35
C ASN A 936 6.78 -17.98 -38.10
N TYR A 937 6.57 -17.38 -36.93
CA TYR A 937 7.14 -17.86 -35.66
C TYR A 937 8.66 -17.88 -35.72
N ILE A 938 9.24 -16.73 -36.06
CA ILE A 938 10.69 -16.55 -36.08
C ILE A 938 11.07 -15.59 -34.97
N TYR A 939 11.88 -16.08 -34.02
CA TYR A 939 12.34 -15.28 -32.91
C TYR A 939 13.73 -14.72 -33.21
N GLU A 940 13.98 -13.49 -32.76
CA GLU A 940 15.32 -12.94 -32.67
C GLU A 940 15.75 -12.96 -31.21
N THR A 941 17.03 -13.23 -30.97
CA THR A 941 17.61 -13.25 -29.63
C THR A 941 18.49 -12.01 -29.44
N HIS A 942 18.44 -11.41 -28.26
CA HIS A 942 19.22 -10.21 -28.00
C HIS A 942 19.52 -10.10 -26.50
N SER A 943 20.13 -8.97 -26.13
CA SER A 943 20.68 -8.77 -24.79
C SER A 943 19.90 -7.67 -24.09
N GLU A 944 19.32 -8.02 -22.94
CA GLU A 944 18.50 -7.09 -22.18
C GLU A 944 19.10 -6.87 -20.79
N ASN A 945 19.20 -5.60 -20.39
CA ASN A 945 19.59 -5.23 -19.05
C ASN A 945 19.06 -3.82 -18.83
N THR A 946 17.97 -3.72 -18.06
CA THR A 946 17.41 -2.46 -17.63
C THR A 946 17.75 -2.12 -16.17
N ILE A 947 18.75 -2.80 -15.59
CA ILE A 947 19.11 -2.61 -14.18
C ILE A 947 20.10 -1.45 -14.08
N PHE A 948 19.73 -0.42 -13.32
CA PHE A 948 20.58 0.76 -13.19
C PHE A 948 20.53 1.31 -11.78
N PHE A 949 21.70 1.64 -11.24
CA PHE A 949 21.82 2.39 -10.00
C PHE A 949 21.58 3.88 -10.27
N GLU A 950 21.20 4.59 -9.23
CA GLU A 950 20.99 5.98 -9.31
C GLU A 950 21.61 6.58 -8.08
N VAL A 951 22.23 7.72 -8.24
CA VAL A 951 22.88 8.42 -7.16
C VAL A 951 22.00 9.50 -6.57
N ASP A 952 21.77 9.33 -5.28
CA ASP A 952 20.91 10.18 -4.48
C ASP A 952 21.60 11.49 -4.15
N GLY A 953 22.83 11.49 -3.71
CA GLY A 953 23.46 12.79 -3.54
C GLY A 953 24.72 13.06 -2.73
N PRO A 954 25.42 14.16 -3.02
CA PRO A 954 26.53 14.44 -2.10
C PRO A 954 25.98 15.07 -0.80
N TYR A 955 25.94 14.29 0.28
CA TYR A 955 25.39 14.72 1.59
C TYR A 955 26.32 15.24 2.69
N LYS A 956 25.71 15.95 3.63
CA LYS A 956 26.37 16.60 4.73
C LYS A 956 26.68 15.76 5.94
N ALA A 957 25.66 15.10 6.44
CA ALA A 957 25.83 14.28 7.63
C ALA A 957 24.91 13.08 7.57
N MET A 958 25.31 12.01 8.25
CA MET A 958 24.46 10.83 8.40
C MET A 958 24.77 10.18 9.74
N ILE A 959 23.72 9.96 10.53
CA ILE A 959 23.83 9.47 11.90
C ILE A 959 23.14 8.11 11.97
N LEU A 960 23.94 7.05 12.17
CA LEU A 960 23.42 5.69 12.25
C LEU A 960 23.60 5.15 13.66
N PRO A 961 22.57 4.57 14.26
CA PRO A 961 22.66 4.12 15.64
C PRO A 961 23.30 2.74 15.75
N SER A 962 23.70 2.40 16.97
CA SER A 962 24.33 1.12 17.26
C SER A 962 23.51 0.32 18.25
N SER A 963 23.61 -1.00 18.15
CA SER A 963 22.88 -1.89 19.05
C SER A 963 23.47 -1.83 20.46
N LYS A 964 22.65 -2.23 21.44
CA LYS A 964 23.15 -2.39 22.80
C LYS A 964 23.84 -3.73 23.03
N GLU A 965 23.52 -4.74 22.22
CA GLU A 965 24.25 -6.00 22.27
C GLU A 965 25.56 -5.90 21.49
N GLU A 966 26.59 -6.60 21.98
CA GLU A 966 27.90 -6.56 21.37
C GLU A 966 27.84 -7.01 19.91
N GLY A 967 28.65 -6.37 19.07
CA GLY A 967 28.83 -6.79 17.69
C GLY A 967 27.66 -6.51 16.76
N LYS A 968 26.45 -6.68 17.28
CA LYS A 968 25.25 -6.41 16.50
C LYS A 968 25.18 -4.93 16.14
N GLY A 969 24.57 -4.63 14.99
CA GLY A 969 24.19 -3.29 14.62
C GLY A 969 22.68 -3.13 14.67
N ILE A 970 22.23 -1.96 14.25
CA ILE A 970 20.81 -1.71 14.06
C ILE A 970 20.59 -1.40 12.60
N LYS A 971 19.74 -2.21 11.96
CA LYS A 971 19.39 -2.01 10.56
C LYS A 971 18.15 -1.12 10.44
N LYS A 972 17.99 -0.53 9.26
CA LYS A 972 16.74 0.14 8.86
C LYS A 972 16.42 1.38 9.70
N ARG A 973 17.43 1.97 10.35
CA ARG A 973 17.25 3.23 11.04
C ARG A 973 18.48 4.10 10.80
N TYR A 974 18.24 5.39 10.58
CA TYR A 974 19.30 6.37 10.42
C TYR A 974 18.66 7.72 10.13
N ALA A 975 19.50 8.76 10.14
CA ALA A 975 19.12 10.09 9.70
C ALA A 975 20.20 10.61 8.76
N VAL A 976 19.77 11.38 7.77
CA VAL A 976 20.66 12.02 6.80
C VAL A 976 20.25 13.48 6.70
N PHE A 977 21.24 14.37 6.56
CA PHE A 977 21.01 15.80 6.46
C PHE A 977 21.62 16.36 5.18
N ASN A 978 20.97 17.36 4.60
CA ASN A 978 21.50 18.04 3.43
C ASN A 978 22.46 19.14 3.85
N GLU A 979 23.17 19.70 2.87
CA GLU A 979 24.20 20.68 3.18
C GLU A 979 23.62 22.02 3.60
N ASP A 980 22.31 22.24 3.44
CA ASP A 980 21.65 23.42 3.95
C ASP A 980 21.11 23.22 5.35
N GLY A 981 21.61 22.20 6.06
CA GLY A 981 21.13 21.83 7.36
C GLY A 981 19.86 21.00 7.37
N SER A 982 19.07 21.06 6.30
CA SER A 982 17.75 20.43 6.29
C SER A 982 17.86 18.92 6.42
N LEU A 983 16.81 18.33 6.99
CA LEU A 983 16.71 16.88 7.07
C LEU A 983 16.37 16.30 5.70
N ALA A 984 17.16 15.33 5.25
CA ALA A 984 17.00 14.66 3.97
C ALA A 984 16.22 13.35 4.09
N GLU A 985 16.62 12.50 5.03
CA GLU A 985 15.93 11.23 5.30
C GLU A 985 15.92 10.98 6.79
N LEU A 986 14.79 10.48 7.29
CA LEU A 986 14.69 9.90 8.63
C LEU A 986 13.92 8.58 8.54
N LYS A 987 14.56 7.48 8.92
CA LYS A 987 14.02 6.15 8.67
C LYS A 987 13.85 5.37 9.96
N GLY A 988 12.63 4.90 10.22
CA GLY A 988 12.40 3.87 11.20
C GLY A 988 12.33 4.32 12.64
N PHE A 989 12.92 5.46 12.99
CA PHE A 989 12.98 5.88 14.38
C PHE A 989 11.58 6.08 14.96
N GLU A 990 11.46 5.88 16.28
CA GLU A 990 10.21 6.04 17.00
C GLU A 990 9.52 7.36 16.68
N LEU A 991 10.30 8.40 16.39
CA LEU A 991 9.73 9.67 15.97
C LEU A 991 8.74 9.50 14.83
N LYS A 992 9.04 8.58 13.90
CA LYS A 992 8.22 8.34 12.71
C LYS A 992 7.08 7.36 12.94
N ARG A 993 7.23 6.43 13.88
CA ARG A 993 6.25 5.37 14.05
C ARG A 993 5.02 5.85 14.80
N ARG A 994 3.90 5.18 14.56
CA ARG A 994 2.64 5.55 15.19
C ARG A 994 2.65 5.18 16.66
N GLY A 995 2.46 6.18 17.51
CA GLY A 995 2.33 6.01 18.94
C GLY A 995 3.41 5.22 19.63
N GLU A 996 4.62 5.74 19.65
CA GLU A 996 5.57 5.27 20.63
C GLU A 996 5.45 6.19 21.84
N LEU A 997 6.31 5.97 22.82
CA LEU A 997 6.31 6.87 23.98
C LEU A 997 6.74 8.25 23.55
N GLN A 998 5.87 9.25 23.75
CA GLN A 998 6.11 10.61 23.25
C GLN A 998 7.50 11.13 23.63
N LEU A 999 7.96 10.81 24.85
CA LEU A 999 9.25 11.30 25.32
C LEU A 999 10.37 10.94 24.36
N ILE A 1000 10.40 9.68 23.91
CA ILE A 1000 11.39 9.25 22.93
C ILE A 1000 11.17 9.94 21.59
N LYS A 1001 9.91 10.26 21.25
CA LYS A 1001 9.63 10.95 19.99
C LYS A 1001 10.15 12.37 20.04
N ASN A 1002 9.94 13.08 21.15
CA ASN A 1002 10.43 14.45 21.25
C ASN A 1002 11.94 14.50 21.43
N PHE A 1003 12.51 13.50 22.13
CA PHE A 1003 13.96 13.44 22.26
C PHE A 1003 14.62 13.26 20.89
N GLN A 1004 14.11 12.34 20.08
CA GLN A 1004 14.69 12.07 18.77
C GLN A 1004 14.46 13.24 17.81
N SER A 1005 13.38 13.98 17.99
CA SER A 1005 13.17 15.20 17.21
C SER A 1005 14.17 16.28 17.58
N ASP A 1006 14.75 16.21 18.77
CA ASP A 1006 15.63 17.26 19.27
C ASP A 1006 17.10 17.02 18.92
N ILE A 1007 17.62 15.82 19.22
CA ILE A 1007 19.06 15.65 19.14
C ILE A 1007 19.55 15.66 17.70
N PHE A 1008 18.77 15.11 16.76
CA PHE A 1008 19.33 14.76 15.45
C PHE A 1008 19.92 15.97 14.74
N LYS A 1009 19.21 17.11 14.77
CA LYS A 1009 19.74 18.33 14.18
C LYS A 1009 20.99 18.83 14.91
N VAL A 1010 21.10 18.56 16.22
CA VAL A 1010 22.27 18.98 16.99
C VAL A 1010 23.54 18.27 16.54
N PHE A 1011 23.40 17.16 15.81
CA PHE A 1011 24.56 16.43 15.31
C PHE A 1011 25.29 17.20 14.22
N LEU A 1012 24.81 18.40 13.91
CA LEU A 1012 25.46 19.24 12.91
C LEU A 1012 26.46 20.21 13.49
N GLU A 1013 26.46 20.41 14.82
CA GLU A 1013 27.25 21.45 15.46
C GLU A 1013 28.63 20.92 15.86
N GLY A 1014 29.46 21.83 16.33
CA GLY A 1014 30.83 21.50 16.69
C GLY A 1014 31.77 21.55 15.50
N ASP A 1015 33.07 21.52 15.81
CA ASP A 1015 34.11 21.58 14.80
C ASP A 1015 34.87 20.28 14.64
N THR A 1016 34.81 19.39 15.62
CA THR A 1016 35.48 18.11 15.57
C THR A 1016 34.45 17.03 15.88
N LEU A 1017 34.84 15.78 15.66
CA LEU A 1017 33.97 14.66 16.02
C LEU A 1017 33.59 14.71 17.49
N GLU A 1018 34.58 14.93 18.36
CA GLU A 1018 34.29 15.00 19.80
C GLU A 1018 33.56 16.28 20.17
N GLY A 1019 33.88 17.40 19.50
CA GLY A 1019 33.12 18.62 19.74
C GLY A 1019 31.67 18.50 19.33
N CYS A 1020 31.38 17.61 18.38
CA CYS A 1020 30.00 17.38 17.95
C CYS A 1020 29.23 16.56 18.98
N TYR A 1021 29.81 15.45 19.41
CA TYR A 1021 29.22 14.60 20.45
C TYR A 1021 28.97 15.37 21.74
N SER A 1022 29.76 16.41 22.00
CA SER A 1022 29.54 17.19 23.21
C SER A 1022 28.31 18.09 23.08
N ALA A 1023 28.04 18.58 21.88
CA ALA A 1023 26.82 19.36 21.65
C ALA A 1023 25.59 18.49 21.82
N VAL A 1024 25.62 17.27 21.28
CA VAL A 1024 24.49 16.36 21.43
C VAL A 1024 24.29 16.01 22.91
N ALA A 1025 25.38 15.78 23.64
CA ALA A 1025 25.28 15.41 25.04
C ALA A 1025 24.52 16.47 25.84
N SER A 1026 24.78 17.75 25.56
CA SER A 1026 24.12 18.83 26.27
C SER A 1026 22.60 18.74 26.13
N VAL A 1027 22.12 18.27 24.98
CA VAL A 1027 20.67 18.08 24.81
C VAL A 1027 20.22 16.87 25.61
N CYS A 1028 21.01 15.79 25.63
CA CYS A 1028 20.65 14.61 26.40
C CYS A 1028 20.55 14.91 27.90
N ASN A 1029 21.46 15.73 28.43
CA ASN A 1029 21.39 16.02 29.86
C ASN A 1029 20.16 16.85 30.20
N ARG A 1030 19.72 17.72 29.29
CA ARG A 1030 18.51 18.51 29.52
C ARG A 1030 17.29 17.62 29.63
N TRP A 1031 17.24 16.55 28.84
CA TRP A 1031 16.13 15.61 28.92
C TRP A 1031 16.24 14.77 30.18
N LEU A 1032 17.43 14.23 30.44
CA LEU A 1032 17.65 13.49 31.68
C LEU A 1032 17.31 14.34 32.89
N ASP A 1033 17.62 15.65 32.83
CA ASP A 1033 17.22 16.56 33.89
C ASP A 1033 15.71 16.55 34.10
N VAL A 1034 14.93 16.55 33.00
CA VAL A 1034 13.48 16.50 33.12
C VAL A 1034 13.04 15.21 33.84
N LEU A 1035 13.67 14.09 33.48
CA LEU A 1035 13.25 12.81 34.04
C LEU A 1035 13.71 12.66 35.50
N ASP A 1036 14.95 13.06 35.80
CA ASP A 1036 15.42 12.95 37.18
C ASP A 1036 14.73 13.94 38.10
N SER A 1037 14.41 15.14 37.60
CA SER A 1037 13.60 16.09 38.37
C SER A 1037 12.16 15.66 38.51
N HIS A 1038 11.84 14.42 38.14
CA HIS A 1038 10.47 13.91 38.14
C HIS A 1038 9.52 14.90 37.45
N GLY A 1039 10.03 15.51 36.38
CA GLY A 1039 9.27 16.50 35.64
C GLY A 1039 8.77 17.65 36.47
N LEU A 1040 9.50 18.03 37.52
CA LEU A 1040 9.06 19.08 38.44
C LEU A 1040 8.66 20.34 37.68
N MET A 1041 9.61 20.95 36.97
CA MET A 1041 9.36 22.21 36.29
C MET A 1041 8.47 22.04 35.06
N LEU A 1042 7.66 20.99 35.01
CA LEU A 1042 6.79 20.72 33.88
C LEU A 1042 5.32 20.69 34.30
N GLU A 1043 4.49 21.39 33.55
CA GLU A 1043 3.06 21.44 33.84
C GLU A 1043 2.43 20.05 33.73
N ASP A 1044 1.40 19.82 34.54
CA ASP A 1044 0.77 18.50 34.59
C ASP A 1044 0.08 18.14 33.28
N GLU A 1045 -0.18 19.13 32.42
CA GLU A 1045 -0.79 18.84 31.12
C GLU A 1045 0.26 18.33 30.13
N ASP A 1046 1.44 18.94 30.12
CA ASP A 1046 2.50 18.43 29.25
C ASP A 1046 3.14 17.17 29.82
N LEU A 1047 3.14 17.01 31.14
CA LEU A 1047 3.78 15.83 31.72
C LEU A 1047 3.07 14.56 31.29
N VAL A 1048 1.74 14.61 31.20
CA VAL A 1048 1.01 13.43 30.76
C VAL A 1048 1.13 13.28 29.25
N SER A 1049 1.20 14.39 28.51
CA SER A 1049 1.42 14.32 27.07
C SER A 1049 2.76 13.71 26.73
N LEU A 1050 3.77 13.93 27.58
CA LEU A 1050 5.13 13.52 27.29
C LEU A 1050 5.41 12.07 27.69
N ILE A 1051 4.73 11.56 28.72
CA ILE A 1051 5.03 10.26 29.30
C ILE A 1051 4.00 9.21 28.91
N CYS A 1052 3.05 9.56 28.05
CA CYS A 1052 2.05 8.62 27.58
C CYS A 1052 2.55 7.89 26.34
N GLU A 1053 2.43 6.56 26.35
CA GLU A 1053 2.63 5.74 25.16
C GLU A 1053 1.28 5.36 24.58
N ASN A 1054 1.23 5.29 23.26
CA ASN A 1054 -0.03 5.19 22.52
C ASN A 1054 0.05 4.02 21.55
N ARG A 1055 -0.43 2.86 21.95
CA ARG A 1055 -0.41 1.68 21.09
C ARG A 1055 -1.81 1.42 20.54
N SER A 1056 -1.88 0.94 19.30
CA SER A 1056 -3.14 0.70 18.60
C SER A 1056 -3.40 -0.80 18.46
N MET A 1057 -4.60 -1.21 18.84
CA MET A 1057 -5.00 -2.61 18.89
C MET A 1057 -5.58 -2.99 17.53
N SER A 1058 -4.85 -3.83 16.77
CA SER A 1058 -5.28 -4.10 15.40
C SER A 1058 -6.62 -4.83 15.35
N LYS A 1059 -7.07 -5.41 16.46
CA LYS A 1059 -8.36 -6.09 16.53
C LYS A 1059 -9.22 -5.51 17.65
N THR A 1060 -10.15 -6.31 18.17
CA THR A 1060 -10.81 -5.98 19.42
C THR A 1060 -10.24 -6.84 20.55
N LEU A 1061 -10.48 -6.40 21.79
CA LEU A 1061 -9.81 -7.05 22.91
C LEU A 1061 -10.19 -8.52 23.02
N LYS A 1062 -11.38 -8.89 22.55
CA LYS A 1062 -11.84 -10.27 22.69
C LYS A 1062 -10.93 -11.26 21.95
N GLU A 1063 -10.30 -10.83 20.85
CA GLU A 1063 -9.53 -11.72 20.00
C GLU A 1063 -8.11 -11.98 20.49
N TYR A 1064 -7.62 -11.19 21.42
CA TYR A 1064 -6.30 -11.40 21.99
C TYR A 1064 -6.32 -12.32 23.20
N GLU A 1065 -7.37 -13.15 23.33
CA GLU A 1065 -7.54 -13.99 24.52
C GLU A 1065 -6.32 -14.87 24.75
N GLY A 1066 -5.89 -14.96 26.00
CA GLY A 1066 -4.67 -15.68 26.33
C GLY A 1066 -3.39 -14.95 26.01
N GLN A 1067 -3.46 -13.64 25.75
CA GLN A 1067 -2.30 -12.82 25.49
C GLN A 1067 -2.26 -11.67 26.48
N LYS A 1068 -1.05 -11.25 26.83
CA LYS A 1068 -0.83 -10.10 27.67
C LYS A 1068 -0.02 -9.06 26.90
N SER A 1069 -0.39 -7.80 27.09
CA SER A 1069 0.38 -6.69 26.55
C SER A 1069 -0.10 -5.44 27.26
N THR A 1070 0.76 -4.43 27.32
CA THR A 1070 0.33 -3.16 27.86
C THR A 1070 -0.89 -2.65 27.10
N SER A 1071 -0.94 -2.88 25.78
CA SER A 1071 -2.10 -2.48 24.99
C SER A 1071 -3.34 -3.26 25.39
N ILE A 1072 -3.17 -4.54 25.74
CA ILE A 1072 -4.29 -5.39 26.12
C ILE A 1072 -4.85 -4.95 27.48
N THR A 1073 -4.00 -4.96 28.51
CA THR A 1073 -4.51 -4.70 29.85
C THR A 1073 -5.01 -3.27 30.00
N THR A 1074 -4.34 -2.30 29.36
CA THR A 1074 -4.88 -0.94 29.36
C THR A 1074 -6.25 -0.87 28.68
N ALA A 1075 -6.57 -1.81 27.77
CA ALA A 1075 -7.87 -1.83 27.13
C ALA A 1075 -8.92 -2.48 28.02
N ARG A 1076 -8.56 -3.58 28.69
CA ARG A 1076 -9.40 -4.15 29.74
C ARG A 1076 -9.72 -3.11 30.81
N ARG A 1077 -8.68 -2.60 31.48
CA ARG A 1077 -8.85 -1.60 32.53
C ARG A 1077 -9.67 -0.40 32.07
N LEU A 1078 -9.79 -0.18 30.77
CA LEU A 1078 -10.60 0.90 30.23
C LEU A 1078 -12.05 0.46 30.03
N GLY A 1079 -12.25 -0.79 29.62
CA GLY A 1079 -13.60 -1.34 29.62
C GLY A 1079 -14.18 -1.42 31.02
N ASP A 1080 -13.36 -1.82 32.00
CA ASP A 1080 -13.78 -1.81 33.41
C ASP A 1080 -14.19 -0.42 33.86
N PHE A 1081 -13.39 0.59 33.49
CA PHE A 1081 -13.62 1.95 33.97
C PHE A 1081 -14.82 2.58 33.27
N LEU A 1082 -14.79 2.64 31.94
CA LEU A 1082 -15.77 3.42 31.19
C LEU A 1082 -16.84 2.57 30.50
N GLY A 1083 -16.81 1.26 30.67
CA GLY A 1083 -17.86 0.43 30.11
C GLY A 1083 -17.36 -0.40 28.94
N GLU A 1084 -18.02 -1.53 28.73
CA GLU A 1084 -17.62 -2.47 27.67
C GLU A 1084 -17.90 -1.93 26.26
N ASP A 1085 -18.52 -0.75 26.15
CA ASP A 1085 -18.89 -0.19 24.85
C ASP A 1085 -17.73 0.46 24.14
N MET A 1086 -16.58 0.60 24.79
CA MET A 1086 -15.40 1.19 24.18
C MET A 1086 -14.33 0.13 23.93
N VAL A 1087 -14.73 -1.14 23.98
CA VAL A 1087 -13.91 -2.30 23.69
C VAL A 1087 -14.49 -3.06 22.49
N LYS A 1088 -15.48 -2.46 21.82
CA LYS A 1088 -16.31 -3.13 20.82
C LYS A 1088 -15.89 -2.91 19.37
N ASP A 1089 -15.06 -1.91 19.08
CA ASP A 1089 -14.60 -1.65 17.72
C ASP A 1089 -13.10 -1.93 17.62
N LYS A 1090 -12.69 -2.52 16.50
CA LYS A 1090 -11.28 -2.78 16.26
C LYS A 1090 -10.51 -1.46 16.16
N GLY A 1091 -9.18 -1.57 16.18
CA GLY A 1091 -8.36 -0.38 16.01
C GLY A 1091 -8.48 0.61 17.14
N LEU A 1092 -8.65 0.11 18.36
CA LEU A 1092 -8.76 0.99 19.53
C LEU A 1092 -7.40 1.56 19.88
N GLN A 1093 -7.35 2.87 20.12
CA GLN A 1093 -6.13 3.55 20.52
C GLN A 1093 -6.03 3.53 22.04
N CYS A 1094 -4.96 2.94 22.55
CA CYS A 1094 -4.76 2.74 23.99
C CYS A 1094 -3.66 3.67 24.47
N LYS A 1095 -4.04 4.73 25.18
CA LYS A 1095 -3.11 5.70 25.75
C LYS A 1095 -2.91 5.38 27.24
N TYR A 1096 -1.69 5.02 27.62
CA TYR A 1096 -1.44 4.53 28.97
C TYR A 1096 -0.25 5.22 29.60
N ILE A 1097 -0.14 5.01 30.91
CA ILE A 1097 1.02 5.31 31.73
C ILE A 1097 1.43 3.99 32.37
N ILE A 1098 2.73 3.79 32.56
CA ILE A 1098 3.19 2.70 33.40
C ILE A 1098 3.31 3.23 34.83
N SER A 1099 2.69 2.53 35.77
CA SER A 1099 2.71 2.93 37.17
C SER A 1099 3.84 2.22 37.92
N SER A 1100 4.30 2.85 39.00
CA SER A 1100 5.33 2.24 39.83
C SER A 1100 4.76 1.07 40.61
N LYS A 1101 3.54 1.23 41.11
CA LYS A 1101 2.85 0.18 41.83
C LYS A 1101 1.88 -0.53 40.90
N PRO A 1102 1.67 -1.84 41.05
CA PRO A 1102 2.23 -2.73 42.06
C PRO A 1102 3.70 -3.07 41.78
N PHE A 1103 4.55 -2.81 42.77
CA PHE A 1103 5.96 -3.15 42.64
C PHE A 1103 6.13 -4.64 42.35
N ASN A 1104 7.29 -4.98 41.79
CA ASN A 1104 7.70 -6.35 41.43
C ASN A 1104 6.72 -7.03 40.47
N ALA A 1105 5.77 -6.27 39.86
CA ALA A 1105 4.83 -6.84 38.91
C ALA A 1105 5.28 -6.56 37.47
N PRO A 1106 4.95 -7.47 36.54
CA PRO A 1106 5.32 -7.25 35.14
C PRO A 1106 4.78 -5.93 34.62
N VAL A 1107 5.52 -5.36 33.67
CA VAL A 1107 5.16 -4.04 33.14
C VAL A 1107 3.74 -4.04 32.57
N THR A 1108 3.27 -5.19 32.09
CA THR A 1108 1.94 -5.24 31.48
C THR A 1108 0.82 -5.07 32.50
N GLU A 1109 1.08 -5.44 33.75
CA GLU A 1109 0.07 -5.32 34.82
C GLU A 1109 0.09 -3.96 35.48
N ARG A 1110 0.90 -3.03 34.99
CA ARG A 1110 1.00 -1.70 35.57
C ARG A 1110 0.68 -0.63 34.53
N ALA A 1111 -0.10 -0.99 33.51
CA ALA A 1111 -0.44 -0.05 32.44
C ALA A 1111 -1.74 0.63 32.83
N ILE A 1112 -1.66 1.88 33.28
CA ILE A 1112 -2.80 2.62 33.77
C ILE A 1112 -3.33 3.50 32.63
N PRO A 1113 -4.55 3.28 32.16
CA PRO A 1113 -5.11 4.17 31.13
C PRO A 1113 -5.07 5.62 31.56
N VAL A 1114 -4.90 6.50 30.57
CA VAL A 1114 -4.60 7.90 30.84
C VAL A 1114 -5.84 8.70 31.20
N ALA A 1115 -7.03 8.28 30.77
CA ALA A 1115 -8.23 9.05 31.02
C ALA A 1115 -8.72 8.94 32.47
N ILE A 1116 -8.19 7.99 33.24
CA ILE A 1116 -8.55 7.91 34.66
C ILE A 1116 -8.16 9.19 35.38
N PHE A 1117 -7.06 9.83 34.97
CA PHE A 1117 -6.63 11.08 35.59
C PHE A 1117 -7.49 12.27 35.21
N SER A 1118 -8.26 12.16 34.13
CA SER A 1118 -9.24 13.17 33.75
C SER A 1118 -10.62 12.90 34.34
N ALA A 1119 -10.75 11.88 35.19
CA ALA A 1119 -12.05 11.40 35.62
C ALA A 1119 -12.47 12.05 36.93
N ASP A 1120 -13.66 11.67 37.39
CA ASP A 1120 -14.13 12.13 38.69
C ASP A 1120 -13.24 11.59 39.80
N ILE A 1121 -12.93 12.45 40.77
CA ILE A 1121 -12.01 12.06 41.84
C ILE A 1121 -12.47 10.81 42.57
N PRO A 1122 -13.79 10.57 42.78
CA PRO A 1122 -14.22 9.26 43.28
C PRO A 1122 -13.87 8.10 42.35
N ILE A 1123 -14.31 8.17 41.07
CA ILE A 1123 -13.99 7.12 40.11
C ILE A 1123 -12.49 6.92 39.97
N LYS A 1124 -11.72 8.02 40.05
CA LYS A 1124 -10.26 7.91 39.98
C LYS A 1124 -9.72 7.08 41.14
N ARG A 1125 -9.93 7.54 42.37
CA ARG A 1125 -9.28 6.92 43.53
C ARG A 1125 -9.73 5.47 43.72
N SER A 1126 -10.86 5.06 43.13
CA SER A 1126 -11.23 3.66 43.17
C SER A 1126 -10.31 2.83 42.30
N PHE A 1127 -10.28 3.13 41.00
CA PHE A 1127 -9.53 2.31 40.06
C PHE A 1127 -8.02 2.49 40.21
N LEU A 1128 -7.57 3.68 40.65
CA LEU A 1128 -6.15 3.87 40.85
C LEU A 1128 -5.59 2.97 41.96
N ARG A 1129 -6.42 2.44 42.85
CA ARG A 1129 -5.92 1.45 43.79
C ARG A 1129 -6.23 0.01 43.39
N ARG A 1130 -7.38 -0.24 42.74
CA ARG A 1130 -7.58 -1.56 42.13
C ARG A 1130 -6.46 -1.93 41.17
N TRP A 1131 -5.71 -0.94 40.67
CA TRP A 1131 -4.65 -1.17 39.70
C TRP A 1131 -3.25 -1.05 40.29
N THR A 1132 -3.08 -0.35 41.41
CA THR A 1132 -1.84 -0.36 42.17
C THR A 1132 -1.79 -1.47 43.19
N LEU A 1133 -2.93 -2.09 43.49
CA LEU A 1133 -3.06 -3.01 44.61
C LEU A 1133 -2.47 -2.38 45.87
N ASP A 1134 -2.88 -1.13 46.11
CA ASP A 1134 -2.51 -0.37 47.30
C ASP A 1134 -3.80 0.29 47.75
N PRO A 1135 -4.60 -0.39 48.58
CA PRO A 1135 -5.89 0.16 49.00
C PRO A 1135 -5.76 1.32 49.96
N SER A 1136 -4.58 1.55 50.53
CA SER A 1136 -4.29 2.69 51.39
C SER A 1136 -3.95 3.96 50.61
N LEU A 1137 -4.06 3.92 49.28
CA LEU A 1137 -3.51 4.97 48.43
C LEU A 1137 -4.30 6.27 48.57
N GLU A 1138 -3.58 7.37 48.80
CA GLU A 1138 -4.20 8.66 49.07
C GLU A 1138 -3.71 9.74 48.11
N ASP A 1139 -2.39 9.90 47.97
CA ASP A 1139 -1.85 10.88 47.04
C ASP A 1139 -2.19 10.49 45.61
N LEU A 1140 -2.68 11.45 44.83
CA LEU A 1140 -3.13 11.17 43.47
C LEU A 1140 -2.38 11.96 42.41
N ASP A 1141 -1.30 12.66 42.77
CA ASP A 1141 -0.54 13.41 41.77
C ASP A 1141 0.19 12.44 40.85
N ILE A 1142 0.11 12.68 39.54
CA ILE A 1142 0.70 11.78 38.55
C ILE A 1142 2.14 11.45 38.91
N ARG A 1143 2.89 12.45 39.39
CA ARG A 1143 4.28 12.23 39.79
C ARG A 1143 4.42 11.21 40.91
N THR A 1144 3.33 10.87 41.61
CA THR A 1144 3.40 9.81 42.60
C THR A 1144 3.28 8.43 41.96
N ILE A 1145 2.46 8.31 40.91
CA ILE A 1145 2.12 7.01 40.34
C ILE A 1145 3.17 6.52 39.33
N ILE A 1146 3.80 7.42 38.61
CA ILE A 1146 4.59 7.07 37.42
C ILE A 1146 5.89 6.40 37.83
N ASP A 1147 6.21 5.27 37.18
CA ASP A 1147 7.46 4.55 37.43
C ASP A 1147 8.57 5.28 36.70
N TRP A 1148 9.09 6.33 37.34
CA TRP A 1148 10.09 7.17 36.68
C TRP A 1148 11.35 6.38 36.34
N GLY A 1149 11.70 5.37 37.14
CA GLY A 1149 12.83 4.53 36.78
C GLY A 1149 12.62 3.81 35.47
N TYR A 1150 11.35 3.57 35.11
CA TYR A 1150 11.04 2.85 33.87
C TYR A 1150 11.29 3.73 32.65
N TYR A 1151 10.75 4.96 32.66
CA TYR A 1151 10.98 5.87 31.55
C TYR A 1151 12.42 6.33 31.47
N ARG A 1152 13.14 6.39 32.60
CA ARG A 1152 14.55 6.73 32.59
C ARG A 1152 15.38 5.65 31.91
N GLU A 1153 15.01 4.37 32.12
CA GLU A 1153 15.70 3.30 31.40
C GLU A 1153 15.44 3.38 29.90
N ARG A 1154 14.24 3.80 29.50
CA ARG A 1154 13.95 3.96 28.08
C ARG A 1154 14.74 5.12 27.49
N LEU A 1155 14.70 6.29 28.15
CA LEU A 1155 15.54 7.39 27.68
C LEU A 1155 17.00 6.97 27.64
N GLY A 1156 17.46 6.22 28.64
CA GLY A 1156 18.83 5.74 28.63
C GLY A 1156 19.13 4.88 27.40
N SER A 1157 18.20 3.99 27.05
CA SER A 1157 18.40 3.13 25.88
C SER A 1157 18.51 3.95 24.60
N ALA A 1158 17.68 4.99 24.47
CA ALA A 1158 17.74 5.83 23.27
C ALA A 1158 19.03 6.63 23.26
N ILE A 1159 19.50 7.06 24.43
CA ILE A 1159 20.77 7.77 24.52
C ILE A 1159 21.92 6.85 24.16
N GLN A 1160 21.82 5.58 24.55
CA GLN A 1160 22.89 4.65 24.26
C GLN A 1160 23.00 4.37 22.78
N LYS A 1161 21.87 4.01 22.15
CA LYS A 1161 21.91 3.53 20.77
C LYS A 1161 22.22 4.66 19.79
N ILE A 1162 21.71 5.86 20.05
CA ILE A 1162 21.92 6.96 19.11
C ILE A 1162 23.26 7.65 19.34
N ILE A 1163 23.78 7.63 20.58
CA ILE A 1163 24.84 8.55 20.98
C ILE A 1163 26.04 7.85 21.63
N THR A 1164 25.88 7.39 22.87
CA THR A 1164 27.05 6.99 23.66
C THR A 1164 27.74 5.75 23.09
N ILE A 1165 26.97 4.75 22.67
CA ILE A 1165 27.55 3.52 22.14
C ILE A 1165 28.18 3.75 20.76
N PRO A 1166 27.56 4.50 19.84
CA PRO A 1166 28.29 4.85 18.62
C PRO A 1166 29.48 5.74 18.90
N ALA A 1167 29.34 6.68 19.84
CA ALA A 1167 30.51 7.39 20.37
C ALA A 1167 31.63 6.43 20.71
N ALA A 1168 31.36 5.45 21.59
CA ALA A 1168 32.36 4.45 21.94
C ALA A 1168 33.02 3.87 20.70
N LEU A 1169 32.22 3.54 19.68
CA LEU A 1169 32.75 2.85 18.50
C LEU A 1169 33.57 3.77 17.61
N GLN A 1170 33.40 5.09 17.73
CA GLN A 1170 34.25 6.02 17.01
C GLN A 1170 35.37 6.58 17.88
N GLY A 1171 35.68 5.91 19.00
CA GLY A 1171 36.82 6.27 19.79
C GLY A 1171 36.68 7.44 20.74
N VAL A 1172 35.49 7.94 20.98
CA VAL A 1172 35.31 9.03 21.94
C VAL A 1172 34.73 8.45 23.20
N SER A 1173 35.21 8.95 24.35
CA SER A 1173 34.77 8.46 25.64
C SER A 1173 33.38 9.01 25.93
N ASN A 1174 32.56 8.19 26.60
CA ASN A 1174 31.13 8.38 26.79
C ASN A 1174 30.77 9.85 26.97
N PRO A 1175 30.01 10.44 26.04
CA PRO A 1175 29.71 11.88 26.12
C PRO A 1175 28.64 12.26 27.13
N VAL A 1176 27.86 11.32 27.65
CA VAL A 1176 26.95 11.65 28.75
C VAL A 1176 27.15 10.62 29.85
N PRO A 1177 27.98 10.94 30.85
CA PRO A 1177 28.31 9.95 31.90
C PRO A 1177 27.14 9.50 32.73
N ARG A 1178 26.04 10.27 32.76
CA ARG A 1178 24.89 9.87 33.55
C ARG A 1178 24.19 8.63 32.98
N VAL A 1179 24.46 8.30 31.72
CA VAL A 1179 24.00 7.04 31.14
C VAL A 1179 25.22 6.15 30.98
N GLU A 1180 25.23 5.01 31.67
CA GLU A 1180 26.39 4.16 31.78
C GLU A 1180 26.51 3.23 30.58
N HIS A 1181 27.75 2.95 30.18
CA HIS A 1181 27.98 1.94 29.16
C HIS A 1181 27.60 0.56 29.70
N PRO A 1182 27.13 -0.34 28.83
CA PRO A 1182 26.95 -1.73 29.25
C PRO A 1182 28.29 -2.38 29.60
N ASP A 1183 28.22 -3.44 30.40
CA ASP A 1183 29.44 -4.05 30.92
C ASP A 1183 30.26 -4.74 29.84
N TRP A 1184 29.66 -5.06 28.68
CA TRP A 1184 30.47 -5.57 27.58
C TRP A 1184 31.31 -4.45 26.97
N LEU A 1185 30.77 -3.23 26.94
CA LEU A 1185 31.54 -2.09 26.49
C LEU A 1185 32.54 -1.64 27.53
N LYS A 1186 32.18 -1.79 28.82
CA LYS A 1186 33.13 -1.51 29.89
C LYS A 1186 34.30 -2.47 29.88
N ARG A 1187 34.08 -3.73 29.47
CA ARG A 1187 35.19 -4.68 29.42
C ARG A 1187 36.15 -4.38 28.29
N LYS A 1188 35.66 -3.79 27.19
CA LYS A 1188 36.46 -3.53 26.01
C LYS A 1188 37.16 -2.17 26.06
N ILE A 1189 37.04 -1.44 27.17
CA ILE A 1189 37.89 -0.27 27.36
C ILE A 1189 39.25 -0.65 27.96
N ALA A 1190 39.28 -1.68 28.82
CA ALA A 1190 40.52 -2.09 29.46
C ALA A 1190 41.28 -3.11 28.61
N THR A 1191 40.56 -4.06 28.01
CA THR A 1191 41.16 -5.08 27.16
C THR A 1191 41.78 -4.46 25.91
N1 DOC B 11 11.44 -2.21 1.47
C2 DOC B 11 10.73 -3.32 1.31
N3 DOC B 11 9.34 -3.29 1.37
C4 DOC B 11 8.65 -2.11 1.59
C5 DOC B 11 9.26 -0.87 1.77
C6 DOC B 11 10.78 -0.89 1.71
O2 DOC B 11 11.31 -4.38 1.11
N4 DOC B 11 7.33 -2.10 1.65
C1' DOC B 11 12.91 -2.27 1.42
C2' DOC B 11 13.43 -2.13 0.00
C3' DOC B 11 14.23 -0.86 0.00
C4' DOC B 11 14.50 -0.60 1.46
O4' DOC B 11 13.38 -1.13 2.15
C5' DOC B 11 14.50 0.91 1.70
O5' DOC B 11 15.56 1.24 2.57
P DOC B 11 15.36 2.32 3.72
OP1 DOC B 11 16.69 2.67 4.26
OP2 DOC B 11 14.48 3.39 3.24
PG DTP D . 12.58 3.47 -6.75
O1G DTP D . 12.78 4.05 -8.12
O2G DTP D . 11.75 4.42 -5.92
O3G DTP D . 13.91 3.20 -6.10
PB DTP D . 12.14 0.69 -6.10
O1B DTP D . 11.18 -0.39 -6.49
O2B DTP D . 13.55 0.27 -6.37
O3B DTP D . 11.75 2.06 -6.90
PA DTP D . 12.75 0.51 -3.26
O1A DTP D . 14.22 0.80 -3.50
O2A DTP D . 12.18 1.26 -2.09
O3A DTP D . 11.85 1.04 -4.52
O5' DTP D . 12.51 -1.11 -3.05
C5' DTP D . 13.38 -2.04 -3.61
C4' DTP D . 12.63 -3.27 -4.07
O4' DTP D . 11.99 -4.11 -2.84
C3' DTP D . 11.62 -2.96 -4.86
O3' DTP D . 12.05 -2.80 -6.27
C2' DTP D . 10.69 -4.19 -4.68
C1' DTP D . 10.72 -4.37 -3.15
N9 DTP D . 9.86 -3.36 -2.51
C8 DTP D . 9.91 -2.13 -1.99
N7 DTP D . 8.69 -1.77 -1.58
C5 DTP D . 7.86 -2.79 -1.85
C6 DTP D . 6.51 -2.95 -1.63
N6 DTP D . 5.47 -2.16 -1.06
N1 DTP D . 5.90 -4.07 -1.98
C2 DTP D . 6.63 -5.05 -2.56
N3 DTP D . 7.96 -4.93 -2.80
C4 DTP D . 8.58 -3.79 -2.43
CA CA E . 15.24 1.48 -5.61
CA CA F . -13.72 15.17 11.97
FE FE G . 11.28 -23.32 -23.60
#